data_7B97
#
_entry.id   7B97
#
_cell.length_a   65.196
_cell.length_b   108.170
_cell.length_c   82.232
_cell.angle_alpha   90.000
_cell.angle_beta   95.240
_cell.angle_gamma   90.000
#
_symmetry.space_group_name_H-M   'P 1 21 1'
#
loop_
_entity.id
_entity.type
_entity.pdbx_description
1 polymer 'Carbon monoxide dehydrogenase'
2 non-polymer 'FE2/S2 (INORGANIC) CLUSTER'
3 non-polymer 'IRON/SULFUR CLUSTER'
4 non-polymer 3,5-dioxa-7-thia-1-thionia-2$l^{2},4$l^{2},6$l^{3},8$l^{2}-tetraferrabicyclo[4.2.0]octane
5 non-polymer 'HYDROSULFURIC ACID'
6 non-polymer (R,R)-2,3-BUTANEDIOL
7 water water
#
_entity_poly.entity_id   1
_entity_poly.type   'polypeptide(L)'
_entity_poly.pdbx_seq_one_letter_code
;MATKTSIHPSVNELYQRLAEDQLSNCFDRFDPQEKIRCNYCELGVSCQLCSNGPCRINEKVGATLGVCGINADGMAMRYM
LLRNVMGTSTYTYHAYEAYKTLKMTALGNTPFTITDKDKLYQMAKDLELNTEGKPEDVAVRLSDFLIWELYRDYDEPGKM
IEVYAPLKRKEVWRKLGIYPAGPLHELKDAAASCLTNVDGDYVSLATKGLRLGLSCIYGAQIGLELVQDILFGTGMPHEM
DVDLGIFDADYINIVFNGHEPFVGVALILAAKEAVNQDKAKAAGAKSLRIYGSIESGQEVVQRFQKDEVFRGLTGNWLTI
EPMLATGAVDVLAMDMNCSPPNLGPLAEKYGATLVSVSRLVRFPGIHHFLDYKPSEVREIAQKIIDIAVDSFKNKRHGKI
TPKIPANIQKAITGFTPEAILKALGGSINPLIEVIKAGKIKGAVGLINCTTLKNGPQDYVTVNLAKELIKRDILILSGGC
GNHALEVAGLCNLDAINLAGPGLSEVCRNLNIPPVLSFGTCTDTGRISLVVTALANALNVDTADLPVAVTAPMYMEQKAT
IDALFALAYGLYTHVAPDPPVMGAPNLVKLLTRDLPSITGGRIAVGSDPVKVADDILAHINDRRAKLGI
;
_entity_poly.pdbx_strand_id   A,B
#
# COMPACT_ATOMS: atom_id res chain seq x y z
N MET A 1 0.46 38.33 14.43
CA MET A 1 1.05 37.00 14.73
C MET A 1 2.14 36.66 13.72
N ALA A 2 3.03 35.73 14.10
CA ALA A 2 4.07 35.21 13.23
C ALA A 2 3.67 33.90 12.57
N THR A 3 2.43 33.45 12.79
CA THR A 3 1.95 32.23 12.19
C THR A 3 1.84 32.40 10.67
N LYS A 4 2.39 31.44 9.91
CA LYS A 4 2.17 31.42 8.47
C LYS A 4 0.69 31.22 8.20
N THR A 5 0.10 32.14 7.43
CA THR A 5 -1.31 32.02 7.09
C THR A 5 -1.42 31.83 5.58
N SER A 6 -1.65 32.88 4.82
CA SER A 6 -2.04 32.75 3.41
C SER A 6 -1.65 34.01 2.66
N ILE A 7 -1.50 33.88 1.35
CA ILE A 7 -1.41 35.04 0.48
C ILE A 7 -2.76 35.61 0.09
N HIS A 8 -3.86 34.91 0.39
CA HIS A 8 -5.18 35.34 -0.03
C HIS A 8 -5.84 36.14 1.09
N PRO A 9 -6.21 37.40 0.85
CA PRO A 9 -6.90 38.16 1.90
C PRO A 9 -8.15 37.48 2.46
N SER A 10 -8.92 36.78 1.63
CA SER A 10 -10.14 36.14 2.14
C SER A 10 -9.81 35.11 3.21
N VAL A 11 -8.77 34.32 2.98
CA VAL A 11 -8.39 33.30 3.93
C VAL A 11 -7.86 33.94 5.20
N ASN A 12 -7.07 35.01 5.05
CA ASN A 12 -6.51 35.67 6.22
C ASN A 12 -7.61 36.27 7.08
N GLU A 13 -8.67 36.77 6.45
CA GLU A 13 -9.80 37.33 7.20
C GLU A 13 -10.50 36.24 8.01
N LEU A 14 -10.71 35.09 7.40
CA LEU A 14 -11.41 34.01 8.08
C LEU A 14 -10.53 33.30 9.10
N TYR A 15 -9.22 33.23 8.85
CA TYR A 15 -8.31 32.78 9.91
C TYR A 15 -8.48 33.59 11.17
N GLN A 16 -8.69 34.90 11.06
CA GLN A 16 -8.86 35.71 12.25
C GLN A 16 -10.10 35.28 13.03
N ARG A 17 -11.16 34.90 12.31
CA ARG A 17 -12.34 34.43 13.02
C ARG A 17 -12.06 33.12 13.74
N LEU A 18 -11.36 32.21 13.07
CA LEU A 18 -10.97 30.95 13.70
C LEU A 18 -10.13 31.19 14.95
N ALA A 19 -9.14 32.09 14.85
CA ALA A 19 -8.29 32.38 15.99
C ALA A 19 -9.07 33.03 17.12
N GLU A 20 -9.93 33.98 16.78
CA GLU A 20 -10.72 34.66 17.81
C GLU A 20 -11.67 33.70 18.50
N ASP A 21 -12.22 32.72 17.76
CA ASP A 21 -13.06 31.67 18.31
C ASP A 21 -12.25 30.59 19.02
N GLN A 22 -10.92 30.72 19.00
CA GLN A 22 -10.03 29.75 19.65
C GLN A 22 -10.31 28.33 19.19
N LEU A 23 -10.57 28.18 17.89
CA LEU A 23 -10.71 26.87 17.28
C LEU A 23 -9.39 26.43 16.66
N SER A 24 -9.07 25.16 16.83
CA SER A 24 -7.89 24.61 16.20
C SER A 24 -8.02 24.70 14.68
N ASN A 25 -6.90 24.91 14.03
CA ASN A 25 -6.85 25.07 12.58
C ASN A 25 -5.43 24.78 12.12
N CYS A 26 -5.30 24.47 10.82
CA CYS A 26 -4.02 24.05 10.30
C CYS A 26 -2.94 25.11 10.54
N PHE A 27 -3.29 26.38 10.32
CA PHE A 27 -2.31 27.46 10.44
C PHE A 27 -1.72 27.49 11.84
N ASP A 28 -2.58 27.45 12.87
CA ASP A 28 -2.08 27.48 14.24
C ASP A 28 -1.40 26.17 14.63
N ARG A 29 -1.87 25.04 14.12
CA ARG A 29 -1.29 23.76 14.53
C ARG A 29 0.12 23.57 13.97
N PHE A 30 0.50 24.34 12.95
CA PHE A 30 1.85 24.29 12.42
C PHE A 30 2.87 24.70 13.49
N ASP A 31 2.51 25.69 14.34
CA ASP A 31 3.51 26.28 15.22
C ASP A 31 3.98 25.30 16.29
N PRO A 32 3.12 24.58 16.99
CA PRO A 32 3.63 23.60 17.97
C PRO A 32 4.51 22.54 17.31
N GLN A 33 4.15 22.10 16.10
CA GLN A 33 4.98 21.12 15.42
C GLN A 33 6.40 21.65 15.20
N GLU A 34 6.53 22.95 14.90
CA GLU A 34 7.82 23.56 14.66
C GLU A 34 8.74 23.50 15.87
N LYS A 35 8.18 23.32 17.05
CA LYS A 35 9.01 23.26 18.26
C LYS A 35 9.76 21.95 18.39
N ILE A 36 9.25 20.89 17.76
CA ILE A 36 9.73 19.53 18.03
C ILE A 36 9.98 18.75 16.74
N ARG A 37 10.31 19.45 15.67
CA ARG A 37 10.51 18.75 14.40
C ARG A 37 11.67 17.76 14.46
N CYS A 38 11.43 16.58 13.88
CA CYS A 38 12.47 15.56 13.77
C CYS A 38 13.28 15.73 12.50
N ASN A 39 14.57 16.01 12.63
CA ASN A 39 15.39 16.16 11.42
C ASN A 39 15.68 14.83 10.74
N TYR A 40 15.65 13.70 11.46
CA TYR A 40 15.82 12.42 10.77
C TYR A 40 14.70 12.20 9.77
N CYS A 41 13.45 12.41 10.19
CA CYS A 41 12.32 12.25 9.30
C CYS A 41 12.33 13.31 8.23
N GLU A 42 12.78 14.53 8.54
CA GLU A 42 12.81 15.57 7.52
C GLU A 42 13.70 15.14 6.36
N LEU A 43 14.79 14.42 6.67
CA LEU A 43 15.80 14.05 5.70
C LEU A 43 15.59 12.65 5.13
N GLY A 44 14.57 11.94 5.60
CA GLY A 44 14.30 10.62 5.08
C GLY A 44 15.13 9.50 5.67
N VAL A 45 15.83 9.76 6.77
CA VAL A 45 16.77 8.79 7.35
C VAL A 45 16.30 8.26 8.71
N SER A 46 15.00 8.07 8.83
CA SER A 46 14.40 7.27 9.89
C SER A 46 13.55 6.18 9.25
N CYS A 47 13.23 5.17 10.04
CA CYS A 47 12.46 4.04 9.54
C CYS A 47 11.65 3.44 10.67
N GLN A 48 10.38 3.15 10.39
CA GLN A 48 9.47 2.55 11.36
C GLN A 48 8.81 1.28 10.82
N LEU A 49 9.45 0.60 9.88
CA LEU A 49 8.75 -0.45 9.17
C LEU A 49 8.77 -1.81 9.86
N CYS A 50 9.58 -2.00 10.90
CA CYS A 50 9.53 -3.29 11.60
C CYS A 50 9.89 -3.10 13.06
N SER A 51 9.73 -4.19 13.81
CA SER A 51 9.85 -4.08 15.26
C SER A 51 11.28 -3.87 15.73
N ASN A 52 12.29 -4.14 14.91
CA ASN A 52 13.67 -3.82 15.30
C ASN A 52 13.93 -2.32 15.30
N GLY A 53 13.05 -1.54 14.68
CA GLY A 53 13.11 -0.11 14.76
C GLY A 53 12.52 0.42 16.05
N PRO A 54 12.22 1.73 16.09
CA PRO A 54 12.48 2.67 15.00
C PRO A 54 13.99 2.88 14.77
N CYS A 55 14.39 2.95 13.52
CA CYS A 55 15.81 3.10 13.18
C CYS A 55 16.07 4.49 12.65
N ARG A 56 17.33 4.91 12.77
CA ARG A 56 17.83 6.21 12.33
C ARG A 56 19.22 5.99 11.76
N ILE A 57 19.55 6.73 10.71
CA ILE A 57 20.92 6.76 10.20
C ILE A 57 21.63 7.98 10.79
N ASN A 58 22.75 7.72 11.47
CA ASN A 58 23.62 8.78 11.98
C ASN A 58 25.01 8.18 12.09
N GLU A 59 25.84 8.44 11.09
CA GLU A 59 27.18 7.84 11.10
C GLU A 59 28.01 8.38 12.25
N LYS A 60 27.73 9.59 12.73
CA LYS A 60 28.55 10.18 13.78
C LYS A 60 28.47 9.41 15.09
N VAL A 61 27.39 8.66 15.32
CA VAL A 61 27.25 7.81 16.49
C VAL A 61 27.35 6.33 16.12
N GLY A 62 27.76 6.00 14.91
CA GLY A 62 27.94 4.62 14.52
C GLY A 62 26.72 3.94 13.92
N ALA A 63 25.62 4.66 13.71
CA ALA A 63 24.41 4.08 13.16
C ALA A 63 24.41 4.28 11.65
N THR A 64 25.18 3.45 10.96
CA THR A 64 25.37 3.59 9.52
C THR A 64 24.27 2.91 8.72
N LEU A 65 23.76 1.80 9.25
CA LEU A 65 22.71 1.03 8.61
C LEU A 65 21.61 0.77 9.63
N GLY A 66 20.40 0.54 9.13
CA GLY A 66 19.34 0.03 9.98
C GLY A 66 19.68 -1.35 10.50
N VAL A 67 18.90 -1.81 11.50
CA VAL A 67 19.22 -3.10 12.11
C VAL A 67 19.28 -4.19 11.04
N CYS A 68 18.34 -4.14 10.09
CA CYS A 68 18.24 -5.15 9.03
C CYS A 68 19.39 -5.08 8.03
N GLY A 69 20.13 -3.98 8.00
CA GLY A 69 21.24 -3.77 7.08
C GLY A 69 20.96 -2.76 5.97
N ILE A 70 19.79 -2.14 5.92
CA ILE A 70 19.51 -1.20 4.84
C ILE A 70 20.29 0.10 5.06
N ASN A 71 20.75 0.70 3.95
CA ASN A 71 21.43 1.98 4.00
C ASN A 71 20.45 3.15 3.84
N ALA A 72 20.99 4.36 4.01
CA ALA A 72 20.14 5.55 4.01
C ALA A 72 19.42 5.73 2.69
N ASP A 73 20.07 5.38 1.58
CA ASP A 73 19.46 5.57 0.27
C ASP A 73 18.29 4.63 0.07
N GLY A 74 18.48 3.35 0.44
CA GLY A 74 17.38 2.41 0.40
C GLY A 74 16.26 2.78 1.36
N MET A 75 16.62 3.21 2.58
CA MET A 75 15.60 3.61 3.54
C MET A 75 14.73 4.73 2.99
N ALA A 76 15.35 5.80 2.49
CA ALA A 76 14.59 6.96 2.05
C ALA A 76 13.75 6.64 0.82
N MET A 77 14.31 5.93 -0.15
CA MET A 77 13.52 5.65 -1.35
C MET A 77 12.39 4.67 -1.06
N ARG A 78 12.62 3.72 -0.16
CA ARG A 78 11.60 2.74 0.18
C ARG A 78 10.38 3.42 0.79
N TYR A 79 10.57 4.34 1.75
CA TYR A 79 9.41 4.99 2.37
C TYR A 79 8.72 5.90 1.34
N MET A 80 9.49 6.52 0.45
CA MET A 80 8.84 7.26 -0.64
C MET A 80 7.99 6.33 -1.49
N LEU A 81 8.50 5.15 -1.82
CA LEU A 81 7.71 4.23 -2.64
C LEU A 81 6.44 3.82 -1.91
N LEU A 82 6.54 3.48 -0.63
CA LEU A 82 5.37 3.09 0.16
C LEU A 82 4.32 4.19 0.19
N ARG A 83 4.73 5.43 0.45
CA ARG A 83 3.75 6.50 0.46
C ARG A 83 3.10 6.66 -0.91
N ASN A 84 3.88 6.43 -1.97
CA ASN A 84 3.32 6.58 -3.30
C ASN A 84 2.38 5.44 -3.68
N VAL A 85 2.43 4.31 -2.98
CA VAL A 85 1.34 3.34 -3.08
C VAL A 85 0.01 4.00 -2.72
N MET A 86 0.00 4.86 -1.68
CA MET A 86 -1.25 5.52 -1.33
C MET A 86 -1.73 6.41 -2.47
N GLY A 87 -0.82 7.19 -3.03
CA GLY A 87 -1.20 8.07 -4.13
C GLY A 87 -1.78 7.29 -5.30
N THR A 88 -1.09 6.21 -5.69
CA THR A 88 -1.56 5.39 -6.81
C THR A 88 -2.90 4.77 -6.48
N SER A 89 -3.07 4.31 -5.23
CA SER A 89 -4.32 3.68 -4.83
C SER A 89 -5.50 4.64 -4.96
N THR A 90 -5.31 5.91 -4.60
CA THR A 90 -6.41 6.88 -4.71
C THR A 90 -6.80 7.08 -6.17
N TYR A 91 -5.83 7.19 -7.07
CA TYR A 91 -6.17 7.33 -8.49
C TYR A 91 -6.83 6.07 -9.03
N THR A 92 -6.35 4.90 -8.63
CA THR A 92 -6.94 3.64 -9.06
C THR A 92 -8.36 3.49 -8.52
N TYR A 93 -8.58 3.89 -7.27
CA TYR A 93 -9.92 3.87 -6.71
C TYR A 93 -10.87 4.71 -7.53
N HIS A 94 -10.47 5.95 -7.81
CA HIS A 94 -11.26 6.89 -8.59
C HIS A 94 -11.54 6.32 -9.97
N ALA A 95 -10.52 5.77 -10.63
CA ALA A 95 -10.72 5.24 -11.98
C ALA A 95 -11.76 4.13 -11.99
N TYR A 96 -11.62 3.17 -11.06
CA TYR A 96 -12.58 2.10 -10.97
C TYR A 96 -14.00 2.62 -10.79
N GLU A 97 -14.19 3.61 -9.92
CA GLU A 97 -15.53 4.16 -9.72
C GLU A 97 -16.00 4.90 -10.97
N ALA A 98 -15.10 5.56 -11.71
CA ALA A 98 -15.51 6.19 -12.96
C ALA A 98 -16.01 5.15 -13.96
N TYR A 99 -15.34 3.99 -14.04
CA TYR A 99 -15.71 2.98 -15.01
C TYR A 99 -17.02 2.30 -14.64
N LYS A 100 -17.22 2.03 -13.35
CA LYS A 100 -18.50 1.50 -12.90
C LYS A 100 -19.62 2.52 -13.11
N THR A 101 -19.30 3.80 -12.91
CA THR A 101 -20.31 4.84 -13.12
C THR A 101 -20.70 4.95 -14.59
N LEU A 102 -19.73 4.88 -15.50
CA LEU A 102 -20.06 4.88 -16.93
C LEU A 102 -20.92 3.68 -17.30
N LYS A 103 -20.52 2.49 -16.82
CA LYS A 103 -21.28 1.29 -17.12
C LYS A 103 -22.72 1.39 -16.59
N MET A 104 -22.87 1.77 -15.32
CA MET A 104 -24.21 1.88 -14.75
C MET A 104 -25.02 2.99 -15.42
N THR A 105 -24.35 4.05 -15.89
CA THR A 105 -25.03 5.07 -16.68
C THR A 105 -25.56 4.50 -17.98
N ALA A 106 -24.72 3.75 -18.69
CA ALA A 106 -25.10 3.15 -19.96
C ALA A 106 -26.28 2.21 -19.79
N LEU A 107 -26.37 1.55 -18.65
CA LEU A 107 -27.48 0.64 -18.38
C LEU A 107 -28.73 1.37 -17.88
N GLY A 108 -28.66 2.68 -17.68
CA GLY A 108 -29.83 3.46 -17.33
C GLY A 108 -30.07 3.65 -15.85
N ASN A 109 -29.05 3.46 -15.00
CA ASN A 109 -29.28 3.34 -13.56
C ASN A 109 -28.74 4.52 -12.78
N THR A 110 -28.41 5.61 -13.45
CA THR A 110 -27.93 6.81 -12.78
C THR A 110 -28.64 8.03 -13.36
N PRO A 111 -28.52 9.18 -12.71
CA PRO A 111 -29.07 10.41 -13.27
C PRO A 111 -28.20 11.02 -14.37
N PHE A 112 -27.12 10.35 -14.75
CA PHE A 112 -26.20 10.84 -15.76
C PHE A 112 -26.55 10.30 -17.13
N THR A 113 -25.81 10.77 -18.13
CA THR A 113 -26.01 10.37 -19.52
C THR A 113 -24.65 10.30 -20.20
N ILE A 114 -24.66 9.83 -21.45
CA ILE A 114 -23.47 9.89 -22.31
C ILE A 114 -23.49 11.23 -23.02
N THR A 115 -22.59 12.13 -22.63
CA THR A 115 -22.57 13.48 -23.17
C THR A 115 -21.64 13.58 -24.38
N ASP A 116 -20.39 13.15 -24.24
CA ASP A 116 -19.44 13.29 -25.34
C ASP A 116 -19.36 11.95 -26.08
N LYS A 117 -20.31 11.75 -26.98
CA LYS A 117 -20.31 10.53 -27.78
C LYS A 117 -19.16 10.50 -28.78
N ASP A 118 -18.74 11.65 -29.31
CA ASP A 118 -17.59 11.65 -30.21
C ASP A 118 -16.36 11.06 -29.52
N LYS A 119 -16.14 11.43 -28.25
CA LYS A 119 -14.99 10.94 -27.53
C LYS A 119 -15.14 9.45 -27.26
N LEU A 120 -16.34 9.02 -26.89
CA LEU A 120 -16.59 7.59 -26.71
C LEU A 120 -16.18 6.79 -27.94
N TYR A 121 -16.65 7.22 -29.11
CA TYR A 121 -16.37 6.47 -30.34
C TYR A 121 -14.91 6.62 -30.76
N GLN A 122 -14.29 7.77 -30.51
CA GLN A 122 -12.87 7.91 -30.84
C GLN A 122 -12.01 7.00 -29.98
N MET A 123 -12.28 6.94 -28.68
CA MET A 123 -11.55 6.04 -27.81
C MET A 123 -11.73 4.59 -28.26
N ALA A 124 -12.98 4.20 -28.56
CA ALA A 124 -13.24 2.84 -29.01
C ALA A 124 -12.44 2.52 -30.27
N LYS A 125 -12.37 3.46 -31.21
CA LYS A 125 -11.59 3.24 -32.42
C LYS A 125 -10.10 3.11 -32.11
N ASP A 126 -9.57 4.02 -31.29
CA ASP A 126 -8.15 3.99 -30.97
C ASP A 126 -7.78 2.72 -30.20
N LEU A 127 -8.69 2.22 -29.37
CA LEU A 127 -8.44 1.03 -28.57
C LEU A 127 -8.87 -0.24 -29.26
N GLU A 128 -9.38 -0.13 -30.49
CA GLU A 128 -9.74 -1.28 -31.32
C GLU A 128 -10.89 -2.08 -30.71
N LEU A 129 -11.82 -1.36 -30.12
CA LEU A 129 -13.01 -1.98 -29.54
C LEU A 129 -14.11 -2.11 -30.58
N ASN A 130 -15.04 -3.03 -30.30
CA ASN A 130 -16.20 -3.24 -31.15
C ASN A 130 -17.17 -2.08 -30.97
N THR A 131 -17.55 -1.46 -32.09
CA THR A 131 -18.43 -0.30 -32.07
C THR A 131 -19.82 -0.62 -32.58
N GLU A 132 -20.17 -1.91 -32.66
CA GLU A 132 -21.50 -2.29 -33.11
C GLU A 132 -22.52 -1.94 -32.03
N GLY A 133 -23.75 -1.68 -32.47
CA GLY A 133 -24.84 -1.45 -31.57
C GLY A 133 -25.07 0.01 -31.28
N LYS A 134 -25.54 0.31 -30.10
CA LYS A 134 -25.88 1.65 -29.68
C LYS A 134 -24.73 2.24 -28.87
N PRO A 135 -24.68 3.57 -28.73
CA PRO A 135 -23.63 4.17 -27.90
C PRO A 135 -23.52 3.54 -26.52
N GLU A 136 -24.65 3.23 -25.90
CA GLU A 136 -24.63 2.62 -24.58
C GLU A 136 -23.89 1.30 -24.61
N ASP A 137 -24.05 0.53 -25.69
CA ASP A 137 -23.32 -0.73 -25.80
C ASP A 137 -21.83 -0.50 -25.88
N VAL A 138 -21.42 0.52 -26.65
CA VAL A 138 -20.00 0.87 -26.76
C VAL A 138 -19.45 1.33 -25.43
N ALA A 139 -20.25 2.11 -24.68
CA ALA A 139 -19.81 2.59 -23.37
C ALA A 139 -19.56 1.43 -22.41
N VAL A 140 -20.38 0.39 -22.47
CA VAL A 140 -20.14 -0.77 -21.62
C VAL A 140 -18.82 -1.43 -21.99
N ARG A 141 -18.59 -1.62 -23.29
CA ARG A 141 -17.34 -2.25 -23.73
C ARG A 141 -16.13 -1.42 -23.33
N LEU A 142 -16.21 -0.10 -23.47
CA LEU A 142 -15.10 0.74 -23.04
C LEU A 142 -14.85 0.63 -21.54
N SER A 143 -15.92 0.64 -20.73
CA SER A 143 -15.77 0.48 -19.29
C SER A 143 -15.06 -0.83 -18.95
N ASP A 144 -15.48 -1.93 -19.57
CA ASP A 144 -14.88 -3.22 -19.30
C ASP A 144 -13.42 -3.25 -19.75
N PHE A 145 -13.12 -2.63 -20.89
CA PHE A 145 -11.73 -2.57 -21.33
C PHE A 145 -10.87 -1.78 -20.34
N LEU A 146 -11.38 -0.65 -19.84
CA LEU A 146 -10.58 0.17 -18.95
C LEU A 146 -10.40 -0.48 -17.58
N ILE A 147 -11.39 -1.26 -17.16
CA ILE A 147 -11.22 -2.10 -15.97
C ILE A 147 -10.12 -3.15 -16.19
N TRP A 148 -10.09 -3.74 -17.38
CA TRP A 148 -9.02 -4.68 -17.72
C TRP A 148 -7.65 -4.02 -17.63
N GLU A 149 -7.52 -2.78 -18.11
CA GLU A 149 -6.26 -2.05 -17.94
C GLU A 149 -5.90 -1.91 -16.46
N LEU A 150 -6.88 -1.71 -15.59
CA LEU A 150 -6.59 -1.60 -14.16
C LEU A 150 -6.03 -2.89 -13.60
N TYR A 151 -6.49 -4.03 -14.13
CA TYR A 151 -6.22 -5.36 -13.57
CA TYR A 151 -6.21 -5.35 -13.55
C TYR A 151 -5.07 -6.09 -14.25
N ARG A 152 -4.52 -5.55 -15.34
CA ARG A 152 -3.48 -6.21 -16.11
CA ARG A 152 -3.47 -6.20 -16.11
C ARG A 152 -2.27 -6.54 -15.23
N ASP A 153 -1.75 -7.76 -15.34
CA ASP A 153 -0.55 -8.14 -14.59
C ASP A 153 0.74 -7.76 -15.35
N TYR A 154 1.87 -7.95 -14.67
CA TYR A 154 3.11 -7.38 -15.21
C TYR A 154 3.52 -8.02 -16.51
N ASP A 155 2.91 -9.16 -16.87
CA ASP A 155 3.31 -9.94 -18.04
C ASP A 155 2.32 -9.87 -19.20
N GLU A 156 1.31 -9.02 -19.11
CA GLU A 156 0.34 -8.83 -20.19
C GLU A 156 0.46 -7.41 -20.74
N PRO A 157 0.65 -7.24 -22.04
CA PRO A 157 0.93 -5.89 -22.57
C PRO A 157 -0.29 -4.97 -22.48
N GLY A 158 -0.03 -3.71 -22.16
CA GLY A 158 -1.09 -2.72 -22.08
C GLY A 158 -1.31 -2.05 -23.42
N LYS A 159 -2.51 -1.50 -23.61
CA LYS A 159 -2.88 -0.81 -24.83
C LYS A 159 -2.93 0.70 -24.67
N MET A 160 -3.35 1.19 -23.51
CA MET A 160 -3.42 2.63 -23.29
C MET A 160 -2.05 3.27 -23.50
N ILE A 161 -0.99 2.64 -22.97
CA ILE A 161 0.34 3.20 -23.10
C ILE A 161 0.78 3.21 -24.57
N GLU A 162 0.35 2.22 -25.36
CA GLU A 162 0.70 2.21 -26.77
C GLU A 162 0.02 3.34 -27.54
N VAL A 163 -1.26 3.59 -27.22
CA VAL A 163 -2.06 4.57 -27.94
C VAL A 163 -1.64 5.99 -27.56
N TYR A 164 -1.38 6.24 -26.27
CA TYR A 164 -1.34 7.60 -25.74
C TYR A 164 0.06 8.11 -25.41
N ALA A 165 1.10 7.30 -25.58
CA ALA A 165 2.49 7.70 -25.37
C ALA A 165 3.19 7.84 -26.71
N PRO A 166 4.20 8.70 -26.80
CA PRO A 166 4.89 8.90 -28.08
C PRO A 166 5.97 7.86 -28.32
N LEU A 167 6.37 7.75 -29.60
CA LEU A 167 7.17 6.62 -30.05
C LEU A 167 8.51 6.53 -29.32
N LYS A 168 9.24 7.64 -29.25
CA LYS A 168 10.55 7.57 -28.62
C LYS A 168 10.47 7.23 -27.14
N ARG A 169 9.47 7.75 -26.41
CA ARG A 169 9.33 7.40 -25.01
C ARG A 169 9.11 5.91 -24.85
N LYS A 170 8.26 5.33 -25.71
CA LYS A 170 7.96 3.91 -25.61
C LYS A 170 9.24 3.11 -25.78
N GLU A 171 10.14 3.57 -26.67
CA GLU A 171 11.41 2.90 -26.89
C GLU A 171 12.29 2.98 -25.65
N VAL A 172 12.35 4.15 -25.03
CA VAL A 172 13.14 4.32 -23.82
C VAL A 172 12.63 3.41 -22.71
N TRP A 173 11.30 3.39 -22.52
CA TRP A 173 10.73 2.58 -21.45
C TRP A 173 10.99 1.10 -21.70
N ARG A 174 10.89 0.70 -22.97
CA ARG A 174 11.20 -0.65 -23.40
C ARG A 174 12.65 -0.99 -23.07
N LYS A 175 13.58 -0.14 -23.50
CA LYS A 175 15.00 -0.37 -23.22
C LYS A 175 15.26 -0.43 -21.72
N LEU A 176 14.62 0.44 -20.95
CA LEU A 176 14.84 0.45 -19.51
C LEU A 176 14.10 -0.67 -18.80
N GLY A 177 13.15 -1.31 -19.47
CA GLY A 177 12.36 -2.35 -18.85
C GLY A 177 11.34 -1.85 -17.85
N ILE A 178 10.83 -0.62 -18.01
CA ILE A 178 9.92 -0.05 -17.03
C ILE A 178 8.49 0.04 -17.53
N TYR A 179 8.11 -0.70 -18.58
CA TYR A 179 6.69 -0.80 -18.92
C TYR A 179 5.96 -1.45 -17.75
N PRO A 180 4.97 -0.79 -17.16
CA PRO A 180 4.37 -1.32 -15.93
C PRO A 180 3.25 -2.33 -16.17
N ALA A 181 2.95 -3.08 -15.13
CA ALA A 181 1.68 -3.78 -15.05
C ALA A 181 0.55 -2.76 -14.95
N GLY A 182 -0.69 -3.26 -14.91
CA GLY A 182 -1.80 -2.43 -14.51
C GLY A 182 -1.56 -1.86 -13.13
N PRO A 183 -2.21 -0.74 -12.78
CA PRO A 183 -1.88 -0.10 -11.49
C PRO A 183 -2.21 -0.93 -10.27
N LEU A 184 -3.23 -1.79 -10.33
CA LEU A 184 -3.54 -2.64 -9.18
C LEU A 184 -2.39 -3.61 -8.87
N HIS A 185 -1.92 -4.34 -9.88
CA HIS A 185 -0.75 -5.21 -9.64
C HIS A 185 0.49 -4.40 -9.34
N GLU A 186 0.68 -3.25 -10.02
CA GLU A 186 1.91 -2.49 -9.80
C GLU A 186 1.97 -1.95 -8.36
N LEU A 187 0.83 -1.48 -7.82
CA LEU A 187 0.87 -0.94 -6.46
C LEU A 187 1.02 -2.06 -5.45
N LYS A 188 0.43 -3.23 -5.70
CA LYS A 188 0.64 -4.39 -4.85
C LYS A 188 2.10 -4.83 -4.87
N ASP A 189 2.72 -4.83 -6.05
CA ASP A 189 4.13 -5.18 -6.18
C ASP A 189 5.01 -4.17 -5.46
N ALA A 190 4.69 -2.89 -5.60
CA ALA A 190 5.45 -1.84 -4.90
C ALA A 190 5.34 -2.01 -3.39
N ALA A 191 4.12 -2.20 -2.89
CA ALA A 191 3.95 -2.36 -1.44
C ALA A 191 4.67 -3.59 -0.92
N ALA A 192 4.62 -4.69 -1.66
CA ALA A 192 5.31 -5.91 -1.22
C ALA A 192 6.81 -5.71 -1.21
N SER A 193 7.32 -4.94 -2.16
CA SER A 193 8.74 -4.64 -2.23
C SER A 193 9.22 -3.87 -0.99
N CYS A 194 8.34 -3.13 -0.36
CA CYS A 194 8.70 -2.26 0.75
C CYS A 194 8.69 -2.99 2.08
N LEU A 195 8.14 -4.20 2.14
CA LEU A 195 8.21 -4.96 3.39
C LEU A 195 9.67 -5.18 3.76
N THR A 196 9.94 -5.20 5.06
CA THR A 196 11.31 -5.40 5.53
C THR A 196 11.92 -6.63 4.87
N ASN A 197 13.18 -6.49 4.47
CA ASN A 197 13.99 -7.58 3.95
C ASN A 197 13.46 -8.11 2.60
N VAL A 198 12.88 -7.22 1.79
CA VAL A 198 12.50 -7.54 0.43
C VAL A 198 13.37 -6.73 -0.53
N ASP A 199 12.96 -5.51 -0.88
CA ASP A 199 13.76 -4.65 -1.76
C ASP A 199 14.42 -3.56 -0.92
N GLY A 200 15.76 -3.63 -0.82
CA GLY A 200 16.52 -2.62 -0.10
C GLY A 200 17.55 -1.95 -0.99
N ASP A 201 17.30 -1.91 -2.31
CA ASP A 201 18.21 -1.34 -3.28
CA ASP A 201 18.21 -1.34 -3.28
C ASP A 201 17.61 -0.04 -3.79
N TYR A 202 18.24 1.09 -3.45
CA TYR A 202 17.65 2.39 -3.78
C TYR A 202 17.41 2.56 -5.29
N VAL A 203 18.28 2.00 -6.13
CA VAL A 203 18.09 2.13 -7.56
C VAL A 203 16.85 1.36 -8.00
N SER A 204 16.71 0.12 -7.52
CA SER A 204 15.54 -0.67 -7.85
C SER A 204 14.27 0.00 -7.33
N LEU A 205 14.31 0.51 -6.10
CA LEU A 205 13.13 1.16 -5.53
C LEU A 205 12.76 2.41 -6.32
N ALA A 206 13.75 3.17 -6.78
CA ALA A 206 13.45 4.34 -7.61
C ALA A 206 12.86 3.90 -8.94
N THR A 207 13.38 2.83 -9.53
CA THR A 207 12.83 2.30 -10.77
C THR A 207 11.38 1.88 -10.58
N LYS A 208 11.10 1.24 -9.46
CA LYS A 208 9.72 0.85 -9.14
C LYS A 208 8.83 2.07 -8.98
N GLY A 209 9.35 3.15 -8.41
CA GLY A 209 8.59 4.38 -8.36
C GLY A 209 8.27 4.94 -9.74
N LEU A 210 9.24 4.91 -10.66
CA LEU A 210 8.99 5.36 -12.03
C LEU A 210 7.92 4.50 -12.70
N ARG A 211 8.02 3.18 -12.52
CA ARG A 211 7.01 2.27 -13.06
C ARG A 211 5.64 2.59 -12.47
N LEU A 212 5.58 2.82 -11.18
CA LEU A 212 4.32 3.16 -10.53
C LEU A 212 3.70 4.42 -11.13
N GLY A 213 4.52 5.44 -11.36
CA GLY A 213 4.02 6.64 -12.02
C GLY A 213 3.46 6.39 -13.42
N LEU A 214 4.17 5.61 -14.23
CA LEU A 214 3.64 5.25 -15.54
C LEU A 214 2.32 4.49 -15.41
N SER A 215 2.25 3.51 -14.51
CA SER A 215 1.02 2.74 -14.35
C SER A 215 -0.14 3.62 -13.97
N CYS A 216 0.13 4.65 -13.17
CA CYS A 216 -0.93 5.54 -12.72
CA CYS A 216 -0.93 5.55 -12.72
C CYS A 216 -1.49 6.36 -13.87
N ILE A 217 -0.61 6.94 -14.69
CA ILE A 217 -1.07 7.81 -15.77
C ILE A 217 -1.77 7.00 -16.86
N TYR A 218 -1.10 5.97 -17.40
CA TYR A 218 -1.67 5.22 -18.52
C TYR A 218 -2.74 4.25 -18.06
N GLY A 219 -2.62 3.72 -16.84
CA GLY A 219 -3.53 2.70 -16.36
C GLY A 219 -4.71 3.20 -15.59
N ALA A 220 -4.69 4.47 -15.16
CA ALA A 220 -5.83 5.01 -14.42
C ALA A 220 -6.23 6.42 -14.87
N GLN A 221 -5.28 7.37 -14.90
CA GLN A 221 -5.64 8.78 -15.03
C GLN A 221 -6.21 9.09 -16.40
N ILE A 222 -5.58 8.62 -17.46
CA ILE A 222 -6.07 8.99 -18.79
C ILE A 222 -7.46 8.41 -19.01
N GLY A 223 -7.64 7.13 -18.68
CA GLY A 223 -8.96 6.53 -18.80
C GLY A 223 -10.01 7.23 -17.97
N LEU A 224 -9.69 7.53 -16.70
CA LEU A 224 -10.74 8.10 -15.87
C LEU A 224 -11.13 9.50 -16.33
N GLU A 225 -10.17 10.31 -16.76
CA GLU A 225 -10.52 11.67 -17.16
C GLU A 225 -11.30 11.67 -18.47
N LEU A 226 -10.92 10.79 -19.39
CA LEU A 226 -11.66 10.71 -20.64
C LEU A 226 -13.06 10.15 -20.41
N VAL A 227 -13.21 9.20 -19.47
CA VAL A 227 -14.55 8.70 -19.14
C VAL A 227 -15.37 9.79 -18.47
N GLN A 228 -14.77 10.59 -17.56
CA GLN A 228 -15.48 11.73 -17.01
C GLN A 228 -15.92 12.72 -18.10
N ASP A 229 -15.08 12.91 -19.13
CA ASP A 229 -15.48 13.74 -20.27
C ASP A 229 -16.65 13.11 -21.02
N ILE A 230 -16.62 11.79 -21.22
CA ILE A 230 -17.73 11.10 -21.88
C ILE A 230 -19.02 11.35 -21.12
N LEU A 231 -18.97 11.28 -19.79
CA LEU A 231 -20.17 11.43 -18.98
C LEU A 231 -20.62 12.89 -18.90
N PHE A 232 -19.69 13.83 -18.70
CA PHE A 232 -20.06 15.18 -18.28
C PHE A 232 -19.67 16.25 -19.27
N GLY A 233 -19.03 15.88 -20.38
CA GLY A 233 -18.60 16.79 -21.42
C GLY A 233 -17.11 17.08 -21.35
N THR A 234 -16.54 17.43 -22.50
CA THR A 234 -15.14 17.85 -22.56
C THR A 234 -15.08 19.36 -22.32
N GLY A 235 -14.27 19.76 -21.35
CA GLY A 235 -14.13 21.17 -21.03
C GLY A 235 -13.78 22.05 -22.20
N MET A 236 -14.44 23.21 -22.26
CA MET A 236 -14.09 24.32 -23.13
C MET A 236 -14.03 25.58 -22.28
N PRO A 237 -13.27 26.57 -22.72
CA PRO A 237 -13.02 27.73 -21.86
C PRO A 237 -14.30 28.52 -21.57
N HIS A 238 -14.47 28.88 -20.31
CA HIS A 238 -15.60 29.72 -19.91
C HIS A 238 -15.29 30.43 -18.59
N GLU A 239 -16.02 31.50 -18.33
CA GLU A 239 -15.78 32.31 -17.15
C GLU A 239 -16.41 31.69 -15.91
N MET A 240 -15.66 31.71 -14.81
CA MET A 240 -16.07 31.10 -13.57
C MET A 240 -15.75 32.05 -12.43
N ASP A 241 -16.58 32.03 -11.40
CA ASP A 241 -16.35 32.78 -10.18
C ASP A 241 -15.58 31.88 -9.20
N VAL A 242 -14.57 32.47 -8.53
CA VAL A 242 -13.81 31.77 -7.52
C VAL A 242 -13.62 32.65 -6.28
N ASP A 243 -13.15 31.98 -5.23
CA ASP A 243 -12.88 32.62 -3.94
C ASP A 243 -14.14 32.67 -3.05
N LEU A 244 -13.93 32.95 -1.74
CA LEU A 244 -14.98 32.65 -0.77
C LEU A 244 -16.14 33.67 -0.75
N GLY A 245 -15.94 34.80 -1.47
CA GLY A 245 -17.07 35.74 -1.57
C GLY A 245 -18.25 35.25 -2.40
N ILE A 246 -18.11 34.08 -3.04
CA ILE A 246 -19.22 33.55 -3.84
C ILE A 246 -20.38 33.12 -2.96
N PHE A 247 -20.15 32.97 -1.66
CA PHE A 247 -21.23 32.57 -0.77
C PHE A 247 -22.18 33.73 -0.51
N ASP A 248 -23.46 33.40 -0.35
CA ASP A 248 -24.49 34.32 0.11
C ASP A 248 -25.25 33.60 1.21
N ALA A 249 -25.29 34.20 2.40
CA ALA A 249 -25.80 33.52 3.59
C ALA A 249 -27.30 33.30 3.56
N ASP A 250 -28.02 33.96 2.67
CA ASP A 250 -29.48 33.86 2.64
C ASP A 250 -29.96 32.67 1.83
N TYR A 251 -29.05 31.93 1.21
CA TYR A 251 -29.38 30.73 0.45
C TYR A 251 -29.04 29.48 1.26
N ILE A 252 -29.67 28.37 0.89
CA ILE A 252 -29.22 27.07 1.37
C ILE A 252 -28.02 26.67 0.52
N ASN A 253 -26.89 26.43 1.19
CA ASN A 253 -25.59 26.34 0.53
C ASN A 253 -25.02 24.94 0.76
N ILE A 254 -24.91 24.18 -0.32
CA ILE A 254 -24.34 22.83 -0.26
C ILE A 254 -23.01 22.87 -1.00
N VAL A 255 -21.94 22.45 -0.32
CA VAL A 255 -20.58 22.44 -0.88
C VAL A 255 -20.14 20.98 -1.05
N PHE A 256 -19.69 20.59 -2.24
CA PHE A 256 -19.11 19.27 -2.42
C PHE A 256 -17.59 19.40 -2.51
N ASN A 257 -16.87 18.44 -1.90
CA ASN A 257 -15.44 18.56 -1.60
C ASN A 257 -14.77 17.20 -1.71
N GLY A 258 -13.74 17.07 -2.52
CA GLY A 258 -13.04 15.81 -2.66
C GLY A 258 -12.27 15.75 -3.95
N HIS A 259 -12.25 14.61 -4.64
CA HIS A 259 -11.71 14.49 -6.00
C HIS A 259 -12.68 13.89 -7.02
N GLU A 260 -13.62 13.06 -6.56
CA GLU A 260 -14.57 12.42 -7.47
C GLU A 260 -15.82 13.27 -7.61
N PRO A 261 -16.19 13.71 -8.81
CA PRO A 261 -17.26 14.71 -8.96
C PRO A 261 -18.67 14.15 -9.11
N PHE A 262 -18.86 12.84 -8.97
CA PHE A 262 -20.16 12.24 -9.28
C PHE A 262 -21.26 12.76 -8.36
N VAL A 263 -21.00 12.84 -7.05
CA VAL A 263 -22.03 13.35 -6.16
C VAL A 263 -22.32 14.82 -6.45
N GLY A 264 -21.27 15.60 -6.71
CA GLY A 264 -21.47 17.01 -7.02
C GLY A 264 -22.35 17.22 -8.23
N VAL A 265 -22.13 16.43 -9.28
CA VAL A 265 -22.98 16.54 -10.47
C VAL A 265 -24.42 16.14 -10.14
N ALA A 266 -24.60 15.04 -9.42
CA ALA A 266 -25.96 14.65 -9.04
C ALA A 266 -26.65 15.72 -8.21
N LEU A 267 -25.88 16.44 -7.38
CA LEU A 267 -26.46 17.49 -6.55
C LEU A 267 -26.93 18.65 -7.40
N ILE A 268 -26.13 19.05 -8.38
CA ILE A 268 -26.53 20.13 -9.28
C ILE A 268 -27.81 19.76 -10.00
N LEU A 269 -27.89 18.53 -10.52
CA LEU A 269 -29.10 18.11 -11.22
C LEU A 269 -30.30 18.12 -10.28
N ALA A 270 -30.12 17.65 -9.06
CA ALA A 270 -31.25 17.61 -8.13
C ALA A 270 -31.66 19.01 -7.70
N ALA A 271 -30.68 19.90 -7.52
CA ALA A 271 -30.95 21.26 -7.08
C ALA A 271 -31.65 22.08 -8.15
N LYS A 272 -31.56 21.66 -9.40
CA LYS A 272 -32.30 22.34 -10.46
C LYS A 272 -33.76 21.94 -10.48
N GLU A 273 -34.15 20.87 -9.80
CA GLU A 273 -35.54 20.48 -9.75
C GLU A 273 -36.34 21.54 -9.00
N ALA A 274 -37.46 22.00 -9.63
CA ALA A 274 -38.21 23.10 -9.05
C ALA A 274 -38.71 22.74 -7.61
N VAL A 275 -39.12 21.50 -7.44
CA VAL A 275 -39.64 20.97 -6.20
C VAL A 275 -38.62 21.20 -5.03
N ASN A 276 -37.33 21.03 -5.35
CA ASN A 276 -36.32 21.20 -4.32
C ASN A 276 -36.07 22.69 -4.00
N GLN A 277 -36.15 23.51 -5.05
CA GLN A 277 -36.05 24.95 -4.83
C GLN A 277 -37.25 25.43 -3.99
N ASP A 278 -38.45 24.90 -4.29
CA ASP A 278 -39.62 25.30 -3.53
C ASP A 278 -39.42 24.94 -2.04
N LYS A 279 -38.87 23.74 -1.80
CA LYS A 279 -38.58 23.30 -0.45
C LYS A 279 -37.65 24.30 0.28
N ALA A 280 -36.63 24.79 -0.44
CA ALA A 280 -35.70 25.72 0.19
C ALA A 280 -36.39 27.02 0.55
N LYS A 281 -37.24 27.54 -0.33
CA LYS A 281 -37.88 28.81 -0.05
C LYS A 281 -38.90 28.67 1.07
N ALA A 282 -39.61 27.55 1.14
CA ALA A 282 -40.53 27.31 2.25
C ALA A 282 -39.78 27.29 3.57
N ALA A 283 -38.50 26.93 3.55
CA ALA A 283 -37.68 26.91 4.76
C ALA A 283 -37.14 28.28 5.13
N GLY A 284 -37.42 29.31 4.32
CA GLY A 284 -36.99 30.66 4.62
C GLY A 284 -35.76 31.12 3.87
N ALA A 285 -35.23 30.33 2.95
CA ALA A 285 -34.08 30.72 2.17
C ALA A 285 -34.51 31.33 0.84
N LYS A 286 -33.61 32.08 0.22
CA LYS A 286 -33.93 32.69 -1.07
C LYS A 286 -34.02 31.64 -2.16
N SER A 287 -33.17 30.62 -2.10
CA SER A 287 -33.17 29.48 -3.00
C SER A 287 -32.09 28.52 -2.53
N LEU A 288 -31.82 27.47 -3.32
CA LEU A 288 -30.83 26.45 -3.00
C LEU A 288 -29.67 26.55 -3.98
N ARG A 289 -28.43 26.58 -3.46
CA ARG A 289 -27.24 26.74 -4.29
C ARG A 289 -26.18 25.68 -3.98
N ILE A 290 -25.42 25.34 -5.01
CA ILE A 290 -24.37 24.34 -4.92
C ILE A 290 -23.05 24.99 -5.24
N TYR A 291 -22.03 24.61 -4.47
CA TYR A 291 -20.68 25.15 -4.63
C TYR A 291 -19.69 24.00 -4.64
N GLY A 292 -18.61 24.18 -5.39
CA GLY A 292 -17.53 23.20 -5.44
C GLY A 292 -16.32 23.64 -4.64
N SER A 293 -15.67 22.67 -3.99
CA SER A 293 -14.44 22.84 -3.26
C SER A 293 -13.39 21.88 -3.82
N ILE A 294 -12.12 22.33 -3.73
CA ILE A 294 -10.97 21.54 -4.08
C ILE A 294 -11.15 20.83 -5.41
N GLU A 295 -10.66 19.58 -5.51
CA GLU A 295 -10.50 18.96 -6.81
C GLU A 295 -11.84 18.52 -7.45
N SER A 296 -12.77 18.03 -6.62
CA SER A 296 -14.12 17.76 -7.12
C SER A 296 -14.74 19.03 -7.71
N GLY A 297 -14.62 20.13 -6.98
CA GLY A 297 -15.14 21.39 -7.49
C GLY A 297 -14.49 21.78 -8.80
N GLN A 298 -13.17 21.58 -8.90
CA GLN A 298 -12.47 21.94 -10.12
C GLN A 298 -12.95 21.08 -11.30
N GLU A 299 -13.14 19.78 -11.08
CA GLU A 299 -13.66 18.93 -12.16
C GLU A 299 -14.97 19.49 -12.71
N VAL A 300 -15.83 20.00 -11.83
CA VAL A 300 -17.12 20.53 -12.25
C VAL A 300 -16.97 21.87 -12.95
N VAL A 301 -16.15 22.78 -12.40
CA VAL A 301 -15.97 24.07 -13.08
C VAL A 301 -15.29 23.90 -14.44
N GLN A 302 -14.52 22.82 -14.63
CA GLN A 302 -13.92 22.59 -15.96
C GLN A 302 -15.01 22.36 -17.01
N ARG A 303 -16.15 21.81 -16.62
CA ARG A 303 -17.13 21.29 -17.56
C ARG A 303 -18.51 21.91 -17.45
N PHE A 304 -18.77 22.72 -16.43
CA PHE A 304 -20.11 23.24 -16.17
C PHE A 304 -20.04 24.76 -16.03
N GLN A 305 -21.16 25.39 -16.34
CA GLN A 305 -21.27 26.85 -16.28
C GLN A 305 -21.71 27.28 -14.89
N LYS A 306 -21.35 28.51 -14.53
CA LYS A 306 -21.99 29.17 -13.40
C LYS A 306 -23.41 29.53 -13.80
N ASP A 307 -24.35 29.29 -12.89
CA ASP A 307 -25.74 29.69 -13.13
C ASP A 307 -26.40 29.97 -11.79
N GLU A 308 -27.72 30.05 -11.79
CA GLU A 308 -28.42 30.37 -10.54
C GLU A 308 -28.23 29.28 -9.49
N VAL A 309 -27.89 28.07 -9.89
CA VAL A 309 -27.73 26.95 -8.94
C VAL A 309 -26.25 26.72 -8.60
N PHE A 310 -25.40 26.52 -9.60
CA PHE A 310 -23.99 26.22 -9.37
C PHE A 310 -23.18 27.52 -9.39
N ARG A 311 -22.49 27.83 -8.29
CA ARG A 311 -21.92 29.17 -8.10
C ARG A 311 -20.41 29.25 -8.26
N GLY A 312 -19.70 28.14 -8.39
CA GLY A 312 -18.27 28.22 -8.61
C GLY A 312 -17.43 27.47 -7.61
N LEU A 313 -16.15 27.83 -7.53
CA LEU A 313 -15.15 27.09 -6.79
C LEU A 313 -14.66 27.90 -5.59
N THR A 314 -14.65 27.26 -4.41
CA THR A 314 -14.31 27.98 -3.19
C THR A 314 -12.81 28.21 -3.06
N GLY A 315 -12.00 27.18 -3.32
CA GLY A 315 -10.55 27.26 -3.18
C GLY A 315 -10.00 25.88 -2.89
N ASN A 316 -8.69 25.82 -2.57
CA ASN A 316 -8.00 24.55 -2.35
C ASN A 316 -8.10 24.10 -0.88
N TRP A 317 -7.34 23.07 -0.50
CA TRP A 317 -7.69 22.37 0.74
C TRP A 317 -7.43 23.19 2.00
N LEU A 318 -6.46 24.10 1.97
CA LEU A 318 -6.26 24.97 3.12
C LEU A 318 -7.33 26.03 3.27
N THR A 319 -8.27 26.13 2.32
CA THR A 319 -9.43 27.01 2.46
C THR A 319 -10.61 26.35 3.14
N ILE A 320 -10.56 25.05 3.40
CA ILE A 320 -11.76 24.35 3.88
C ILE A 320 -12.13 24.82 5.29
N GLU A 321 -11.14 24.85 6.20
CA GLU A 321 -11.41 25.37 7.54
C GLU A 321 -11.90 26.80 7.50
N PRO A 322 -11.19 27.71 6.81
CA PRO A 322 -11.72 29.08 6.63
C PRO A 322 -13.11 29.10 6.07
N MET A 323 -13.40 28.24 5.09
CA MET A 323 -14.74 28.23 4.50
C MET A 323 -15.82 27.97 5.55
N LEU A 324 -15.59 27.03 6.46
CA LEU A 324 -16.60 26.77 7.48
C LEU A 324 -16.82 27.99 8.37
N ALA A 325 -15.76 28.76 8.60
CA ALA A 325 -15.87 29.97 9.42
C ALA A 325 -16.65 31.09 8.76
N THR A 326 -17.04 30.94 7.49
CA THR A 326 -17.97 31.93 6.94
C THR A 326 -19.30 31.91 7.66
N GLY A 327 -19.64 30.79 8.28
CA GLY A 327 -20.99 30.64 8.83
C GLY A 327 -22.05 30.66 7.76
N ALA A 328 -21.69 30.25 6.53
CA ALA A 328 -22.62 30.19 5.42
C ALA A 328 -22.90 28.81 4.86
N VAL A 329 -22.18 27.79 5.29
CA VAL A 329 -22.32 26.45 4.73
C VAL A 329 -23.42 25.68 5.46
N ASP A 330 -24.32 25.04 4.72
CA ASP A 330 -25.30 24.18 5.34
C ASP A 330 -24.88 22.71 5.31
N VAL A 331 -24.40 22.20 4.18
CA VAL A 331 -23.79 20.88 4.13
C VAL A 331 -22.45 20.98 3.41
N LEU A 332 -21.43 20.35 3.99
CA LEU A 332 -20.18 20.03 3.30
C LEU A 332 -20.18 18.54 3.02
N ALA A 333 -20.27 18.15 1.75
CA ALA A 333 -20.36 16.76 1.33
C ALA A 333 -19.00 16.32 0.81
N MET A 334 -18.38 15.34 1.49
CA MET A 334 -16.96 15.05 1.32
C MET A 334 -16.76 13.67 0.69
N ASP A 335 -16.02 13.62 -0.42
CA ASP A 335 -15.87 12.36 -1.16
C ASP A 335 -14.46 11.77 -1.14
N MET A 336 -13.45 12.53 -0.79
CA MET A 336 -12.08 11.99 -0.75
C MET A 336 -11.22 13.04 -0.06
N ASN A 337 -9.91 12.85 -0.12
CA ASN A 337 -9.00 13.92 0.27
C ASN A 337 -9.28 15.13 -0.60
N CYS A 338 -9.01 16.32 -0.07
CA CYS A 338 -8.70 16.57 1.31
C CYS A 338 -9.98 16.86 2.11
N SER A 339 -10.23 16.03 3.13
CA SER A 339 -11.29 16.21 4.12
C SER A 339 -10.60 16.20 5.49
N PRO A 340 -10.09 17.34 5.96
CA PRO A 340 -9.25 17.34 7.16
C PRO A 340 -9.98 16.83 8.39
N PRO A 341 -9.30 16.04 9.22
CA PRO A 341 -10.03 15.24 10.22
C PRO A 341 -10.46 15.96 11.48
N ASN A 342 -10.17 17.25 11.65
CA ASN A 342 -10.71 18.00 12.76
C ASN A 342 -11.79 19.02 12.36
N LEU A 343 -12.49 18.80 11.24
CA LEU A 343 -13.57 19.72 10.89
C LEU A 343 -14.77 19.66 11.83
N GLY A 344 -14.96 18.57 12.56
CA GLY A 344 -16.12 18.43 13.39
C GLY A 344 -16.41 19.62 14.29
N PRO A 345 -15.45 20.02 15.14
CA PRO A 345 -15.71 21.19 16.02
C PRO A 345 -16.00 22.46 15.27
N LEU A 346 -15.41 22.64 14.08
CA LEU A 346 -15.69 23.84 13.30
C LEU A 346 -17.11 23.81 12.75
N ALA A 347 -17.54 22.65 12.26
CA ALA A 347 -18.91 22.54 11.78
C ALA A 347 -19.89 22.81 12.91
N GLU A 348 -19.58 22.30 14.11
CA GLU A 348 -20.47 22.55 15.23
CA GLU A 348 -20.46 22.55 15.24
C GLU A 348 -20.55 24.04 15.56
N LYS A 349 -19.41 24.72 15.59
CA LYS A 349 -19.40 26.13 15.97
C LYS A 349 -20.13 27.00 14.95
N TYR A 350 -19.98 26.71 13.66
CA TYR A 350 -20.49 27.57 12.60
C TYR A 350 -21.80 27.08 12.00
N GLY A 351 -22.40 26.03 12.54
CA GLY A 351 -23.73 25.61 12.13
C GLY A 351 -23.80 24.88 10.81
N ALA A 352 -22.77 24.13 10.44
CA ALA A 352 -22.74 23.39 9.19
C ALA A 352 -22.85 21.90 9.50
N THR A 353 -23.39 21.16 8.56
CA THR A 353 -23.56 19.71 8.70
C THR A 353 -22.59 19.01 7.75
N LEU A 354 -21.85 18.05 8.29
CA LEU A 354 -20.87 17.29 7.53
C LEU A 354 -21.47 15.98 7.08
N VAL A 355 -21.28 15.65 5.80
CA VAL A 355 -21.76 14.40 5.23
C VAL A 355 -20.60 13.77 4.48
N SER A 356 -20.26 12.54 4.85
CA SER A 356 -19.32 11.77 4.05
C SER A 356 -20.06 11.01 2.97
N VAL A 357 -19.57 11.10 1.73
CA VAL A 357 -20.13 10.37 0.60
C VAL A 357 -19.15 9.33 0.03
N SER A 358 -18.21 8.88 0.86
CA SER A 358 -17.31 7.80 0.44
C SER A 358 -16.89 6.96 1.65
N ARG A 359 -16.80 5.63 1.47
CA ARG A 359 -16.32 4.80 2.58
C ARG A 359 -14.88 5.10 2.93
N LEU A 360 -14.17 5.82 2.09
CA LEU A 360 -12.80 6.22 2.43
C LEU A 360 -12.77 7.27 3.51
N VAL A 361 -13.74 8.17 3.56
CA VAL A 361 -13.67 9.39 4.35
C VAL A 361 -14.44 9.19 5.65
N ARG A 362 -13.68 9.17 6.74
CA ARG A 362 -14.21 9.10 8.10
C ARG A 362 -13.30 9.93 8.99
N PHE A 363 -13.87 10.60 9.99
CA PHE A 363 -13.13 11.34 11.00
C PHE A 363 -14.12 11.69 12.11
N PRO A 364 -13.67 12.11 13.30
CA PRO A 364 -14.62 12.34 14.39
C PRO A 364 -15.63 13.43 14.07
N GLY A 365 -16.88 13.18 14.44
CA GLY A 365 -17.89 14.22 14.37
C GLY A 365 -18.66 14.32 13.08
N ILE A 366 -18.59 13.33 12.23
CA ILE A 366 -19.36 13.36 11.00
C ILE A 366 -20.77 12.92 11.30
N HIS A 367 -21.74 13.63 10.73
CA HIS A 367 -23.15 13.45 11.05
C HIS A 367 -23.82 12.35 10.24
N HIS A 368 -23.37 12.15 9.02
CA HIS A 368 -24.09 11.33 8.07
C HIS A 368 -23.08 10.67 7.15
N PHE A 369 -23.35 9.41 6.83
CA PHE A 369 -22.49 8.59 5.98
C PHE A 369 -23.35 8.03 4.86
N LEU A 370 -23.08 8.48 3.63
CA LEU A 370 -23.82 8.08 2.44
C LEU A 370 -22.82 7.59 1.42
N ASP A 371 -22.33 6.37 1.59
CA ASP A 371 -21.31 5.82 0.73
C ASP A 371 -21.80 5.76 -0.73
N TYR A 372 -20.97 6.20 -1.65
CA TYR A 372 -21.37 6.30 -3.05
C TYR A 372 -21.53 4.94 -3.72
N LYS A 373 -22.61 4.80 -4.49
CA LYS A 373 -22.77 3.71 -5.45
C LYS A 373 -23.46 4.40 -6.62
N PRO A 374 -23.07 4.10 -7.87
CA PRO A 374 -23.71 4.80 -9.01
C PRO A 374 -25.24 4.69 -9.01
N SER A 375 -25.78 3.52 -8.70
CA SER A 375 -27.22 3.30 -8.76
C SER A 375 -27.95 3.95 -7.59
N GLU A 376 -27.22 4.49 -6.62
CA GLU A 376 -27.83 5.18 -5.49
C GLU A 376 -27.59 6.67 -5.50
N VAL A 377 -26.89 7.22 -6.51
CA VAL A 377 -26.44 8.60 -6.38
C VAL A 377 -27.59 9.57 -6.48
N ARG A 378 -28.65 9.26 -7.24
CA ARG A 378 -29.83 10.11 -7.24
C ARG A 378 -30.42 10.21 -5.84
N GLU A 379 -30.57 9.08 -5.15
CA GLU A 379 -31.09 9.07 -3.79
C GLU A 379 -30.13 9.77 -2.83
N ILE A 380 -28.82 9.60 -3.03
CA ILE A 380 -27.83 10.27 -2.19
C ILE A 380 -27.97 11.79 -2.31
N ALA A 381 -28.01 12.29 -3.54
CA ALA A 381 -28.09 13.73 -3.73
C ALA A 381 -29.35 14.30 -3.09
N GLN A 382 -30.48 13.58 -3.24
CA GLN A 382 -31.73 14.09 -2.68
C GLN A 382 -31.68 14.08 -1.15
N LYS A 383 -31.07 13.06 -0.57
CA LYS A 383 -30.96 13.03 0.89
C LYS A 383 -30.09 14.17 1.40
N ILE A 384 -29.01 14.49 0.67
CA ILE A 384 -28.17 15.62 1.04
C ILE A 384 -28.96 16.92 1.03
N ILE A 385 -29.80 17.11 -0.01
CA ILE A 385 -30.63 18.31 -0.06
C ILE A 385 -31.56 18.35 1.13
N ASP A 386 -32.18 17.21 1.46
CA ASP A 386 -33.09 17.17 2.62
C ASP A 386 -32.34 17.46 3.91
N ILE A 387 -31.14 16.90 4.06
CA ILE A 387 -30.31 17.23 5.22
C ILE A 387 -30.01 18.72 5.27
N ALA A 388 -29.67 19.31 4.12
CA ALA A 388 -29.27 20.71 4.09
C ALA A 388 -30.42 21.63 4.48
N VAL A 389 -31.63 21.34 4.00
CA VAL A 389 -32.78 22.16 4.34
C VAL A 389 -33.02 22.09 5.84
N ASP A 390 -33.00 20.88 6.40
CA ASP A 390 -33.18 20.74 7.85
CA ASP A 390 -33.18 20.75 7.84
C ASP A 390 -32.09 21.47 8.61
N SER A 391 -30.83 21.36 8.15
CA SER A 391 -29.72 22.04 8.81
C SER A 391 -29.89 23.56 8.76
N PHE A 392 -30.21 24.10 7.59
CA PHE A 392 -30.46 25.53 7.48
C PHE A 392 -31.51 25.97 8.50
N LYS A 393 -32.60 25.22 8.59
CA LYS A 393 -33.71 25.63 9.46
C LYS A 393 -33.35 25.55 10.93
N ASN A 394 -32.62 24.51 11.32
CA ASN A 394 -32.46 24.17 12.74
C ASN A 394 -31.12 24.56 13.31
N LYS A 395 -30.07 24.63 12.50
CA LYS A 395 -28.74 24.91 12.98
C LYS A 395 -28.22 26.29 12.62
N ARG A 396 -28.54 26.81 11.44
CA ARG A 396 -27.86 27.99 10.93
C ARG A 396 -28.74 29.23 10.87
N HIS A 397 -29.90 29.14 10.23
CA HIS A 397 -30.70 30.33 9.95
C HIS A 397 -31.15 30.97 11.25
N GLY A 398 -30.81 32.25 11.42
CA GLY A 398 -31.16 33.00 12.61
C GLY A 398 -30.31 32.70 13.82
N LYS A 399 -29.32 31.81 13.70
CA LYS A 399 -28.50 31.39 14.82
C LYS A 399 -27.03 31.72 14.66
N ILE A 400 -26.50 31.60 13.44
CA ILE A 400 -25.08 31.78 13.16
C ILE A 400 -24.92 33.08 12.41
N THR A 401 -24.00 33.92 12.88
CA THR A 401 -23.71 35.16 12.20
C THR A 401 -22.76 34.86 11.04
N PRO A 402 -23.13 35.17 9.80
CA PRO A 402 -22.20 34.97 8.70
C PRO A 402 -21.12 36.05 8.67
N LYS A 403 -19.93 35.65 8.19
CA LYS A 403 -18.82 36.56 7.94
C LYS A 403 -18.19 36.14 6.61
N ILE A 404 -18.82 36.56 5.52
CA ILE A 404 -18.39 36.17 4.17
C ILE A 404 -17.47 37.27 3.65
N PRO A 405 -16.21 36.95 3.33
CA PRO A 405 -15.32 37.97 2.76
C PRO A 405 -15.82 38.44 1.40
N ALA A 406 -15.44 39.65 1.06
CA ALA A 406 -15.96 40.24 -0.17
C ALA A 406 -15.31 39.71 -1.44
N ASN A 407 -14.23 38.95 -1.34
CA ASN A 407 -13.36 38.68 -2.49
C ASN A 407 -13.99 37.65 -3.42
N ILE A 408 -14.17 38.05 -4.69
CA ILE A 408 -14.54 37.16 -5.78
C ILE A 408 -13.58 37.46 -6.92
N GLN A 409 -13.06 36.42 -7.56
CA GLN A 409 -12.16 36.59 -8.69
C GLN A 409 -12.73 35.81 -9.85
N LYS A 410 -12.40 36.26 -11.06
CA LYS A 410 -12.83 35.62 -12.28
C LYS A 410 -11.69 34.78 -12.82
N ALA A 411 -12.02 33.57 -13.28
CA ALA A 411 -11.07 32.67 -13.92
C ALA A 411 -11.71 32.09 -15.16
N ILE A 412 -10.90 31.92 -16.20
CA ILE A 412 -11.31 31.16 -17.38
C ILE A 412 -10.90 29.71 -17.13
N THR A 413 -11.90 28.86 -16.90
CA THR A 413 -11.67 27.45 -16.61
C THR A 413 -12.07 26.63 -17.83
N GLY A 414 -11.71 25.36 -17.81
CA GLY A 414 -12.09 24.46 -18.89
C GLY A 414 -11.11 24.33 -20.03
N PHE A 415 -9.85 24.68 -19.85
CA PHE A 415 -8.87 24.32 -20.87
C PHE A 415 -8.60 22.82 -20.85
N THR A 416 -8.58 22.25 -22.04
CA THR A 416 -8.34 20.85 -22.35
C THR A 416 -7.48 20.85 -23.60
N PRO A 417 -6.89 19.72 -23.99
CA PRO A 417 -6.24 19.65 -25.30
C PRO A 417 -7.16 20.13 -26.40
N GLU A 418 -8.42 19.68 -26.39
CA GLU A 418 -9.36 20.09 -27.41
C GLU A 418 -9.54 21.60 -27.43
N ALA A 419 -9.58 22.23 -26.26
CA ALA A 419 -9.75 23.67 -26.22
C ALA A 419 -8.55 24.40 -26.79
N ILE A 420 -7.33 23.92 -26.51
CA ILE A 420 -6.13 24.55 -27.08
C ILE A 420 -6.16 24.47 -28.60
N LEU A 421 -6.46 23.29 -29.14
CA LEU A 421 -6.50 23.14 -30.59
C LEU A 421 -7.51 24.09 -31.19
N LYS A 422 -8.68 24.22 -30.57
CA LYS A 422 -9.70 25.13 -31.07
C LYS A 422 -9.21 26.57 -31.04
N ALA A 423 -8.58 26.99 -29.93
CA ALA A 423 -8.10 28.35 -29.85
C ALA A 423 -7.02 28.65 -30.88
N LEU A 424 -6.33 27.62 -31.34
CA LEU A 424 -5.26 27.78 -32.34
C LEU A 424 -5.76 27.65 -33.76
N GLY A 425 -7.04 27.38 -33.97
CA GLY A 425 -7.56 27.21 -35.30
C GLY A 425 -7.67 25.79 -35.78
N GLY A 426 -7.47 24.81 -34.90
CA GLY A 426 -7.72 23.42 -35.20
C GLY A 426 -6.48 22.55 -35.19
N SER A 427 -5.30 23.15 -35.07
CA SER A 427 -4.05 22.41 -35.11
CA SER A 427 -4.05 22.41 -35.11
C SER A 427 -3.12 22.99 -34.05
N ILE A 428 -2.17 22.17 -33.60
CA ILE A 428 -1.19 22.63 -32.63
C ILE A 428 -0.11 23.49 -33.27
N ASN A 429 -0.09 23.59 -34.57
CA ASN A 429 1.11 24.10 -35.19
C ASN A 429 1.35 25.59 -34.98
N PRO A 430 0.31 26.43 -34.88
CA PRO A 430 0.59 27.84 -34.56
C PRO A 430 1.29 28.03 -33.23
N LEU A 431 1.04 27.15 -32.25
CA LEU A 431 1.74 27.20 -30.98
C LEU A 431 3.19 26.79 -31.17
N ILE A 432 3.43 25.72 -31.94
CA ILE A 432 4.79 25.34 -32.28
C ILE A 432 5.51 26.52 -32.92
N GLU A 433 4.82 27.23 -33.83
CA GLU A 433 5.48 28.30 -34.59
C GLU A 433 5.90 29.44 -33.68
N VAL A 434 5.05 29.85 -32.74
CA VAL A 434 5.43 30.96 -31.87
C VAL A 434 6.44 30.50 -30.84
N ILE A 435 6.46 29.21 -30.52
CA ILE A 435 7.55 28.70 -29.69
C ILE A 435 8.84 28.71 -30.47
N LYS A 436 8.82 28.18 -31.71
CA LYS A 436 10.04 28.21 -32.51
C LYS A 436 10.56 29.63 -32.70
N ALA A 437 9.66 30.59 -32.86
CA ALA A 437 10.05 31.98 -33.10
C ALA A 437 10.55 32.68 -31.83
N GLY A 438 10.37 32.07 -30.67
CA GLY A 438 10.88 32.62 -29.43
C GLY A 438 9.90 33.50 -28.70
N LYS A 439 8.67 33.65 -29.20
CA LYS A 439 7.70 34.44 -28.45
C LYS A 439 7.32 33.75 -27.15
N ILE A 440 7.10 32.44 -27.19
CA ILE A 440 6.92 31.64 -25.99
C ILE A 440 8.15 30.76 -25.88
N LYS A 441 8.89 30.89 -24.78
CA LYS A 441 10.15 30.15 -24.67
C LYS A 441 9.89 28.66 -24.48
N GLY A 442 8.85 28.32 -23.71
CA GLY A 442 8.48 26.94 -23.48
C GLY A 442 7.22 26.93 -22.64
N ALA A 443 6.89 25.75 -22.11
CA ALA A 443 5.67 25.58 -21.35
C ALA A 443 5.95 24.75 -20.12
N VAL A 444 5.27 25.07 -19.04
CA VAL A 444 5.39 24.36 -17.77
C VAL A 444 4.04 23.78 -17.37
N GLY A 445 4.06 22.54 -16.92
CA GLY A 445 2.91 21.94 -16.28
C GLY A 445 3.05 22.15 -14.78
N LEU A 446 2.17 22.94 -14.19
CA LEU A 446 2.20 23.22 -12.76
C LEU A 446 1.15 22.31 -12.17
N ILE A 447 1.60 21.28 -11.47
CA ILE A 447 0.76 20.16 -11.06
C ILE A 447 1.08 20.08 -9.60
N ASN A 448 0.18 20.59 -8.77
CA ASN A 448 0.61 20.91 -7.42
C ASN A 448 -0.52 20.85 -6.40
N CYS A 449 -0.12 20.65 -5.14
CA CYS A 449 -1.03 20.83 -4.04
C CYS A 449 -0.90 22.23 -3.45
N THR A 450 -1.15 22.32 -2.15
CA THR A 450 -0.75 23.43 -1.35
C THR A 450 -0.31 22.86 -0.01
N THR A 451 0.50 23.63 0.71
CA THR A 451 1.03 23.18 1.99
C THR A 451 1.45 24.43 2.74
N LEU A 452 1.75 24.27 4.03
CA LEU A 452 2.35 25.34 4.82
C LEU A 452 3.84 25.16 5.00
N LYS A 453 4.40 24.02 4.58
CA LYS A 453 5.79 23.72 4.90
C LYS A 453 6.74 24.81 4.43
N ASN A 454 6.58 25.28 3.19
CA ASN A 454 7.54 26.20 2.59
C ASN A 454 7.01 27.62 2.39
N GLY A 455 5.87 27.95 2.98
CA GLY A 455 5.41 29.33 3.00
C GLY A 455 3.96 29.40 3.42
N PRO A 456 3.46 30.62 3.61
CA PRO A 456 2.00 30.82 3.70
C PRO A 456 1.33 30.13 2.51
N GLN A 457 0.08 29.69 2.73
CA GLN A 457 -0.70 29.03 1.69
C GLN A 457 -0.53 29.73 0.35
N ASP A 458 -0.07 28.96 -0.64
CA ASP A 458 -0.01 29.35 -2.05
C ASP A 458 1.06 30.37 -2.37
N TYR A 459 1.88 30.78 -1.39
CA TYR A 459 2.84 31.85 -1.64
C TYR A 459 3.86 31.46 -2.71
N VAL A 460 4.45 30.27 -2.62
CA VAL A 460 5.45 29.87 -3.59
C VAL A 460 4.80 29.64 -4.95
N THR A 461 3.62 29.02 -4.95
CA THR A 461 2.93 28.70 -6.20
C THR A 461 2.67 29.95 -7.02
N VAL A 462 2.04 30.95 -6.40
CA VAL A 462 1.61 32.13 -7.13
C VAL A 462 2.81 32.96 -7.60
N ASN A 463 3.79 33.16 -6.71
CA ASN A 463 4.95 33.96 -7.06
C ASN A 463 5.83 33.25 -8.08
N LEU A 464 5.93 31.93 -8.01
CA LEU A 464 6.65 31.20 -9.05
C LEU A 464 5.93 31.34 -10.39
N ALA A 465 4.61 31.16 -10.39
CA ALA A 465 3.87 31.34 -11.64
C ALA A 465 4.08 32.72 -12.24
N LYS A 466 4.08 33.76 -11.40
CA LYS A 466 4.30 35.11 -11.90
C LYS A 466 5.69 35.25 -12.52
N GLU A 467 6.70 34.66 -11.88
CA GLU A 467 8.05 34.72 -12.41
C GLU A 467 8.18 33.91 -13.70
N LEU A 468 7.47 32.79 -13.79
CA LEU A 468 7.52 32.00 -15.02
C LEU A 468 6.92 32.74 -16.20
N ILE A 469 5.70 33.29 -16.03
CA ILE A 469 5.06 33.96 -17.16
C ILE A 469 5.83 35.21 -17.57
N LYS A 470 6.46 35.88 -16.59
CA LYS A 470 7.33 37.03 -16.89
C LYS A 470 8.48 36.62 -17.81
N ARG A 471 8.91 35.37 -17.72
CA ARG A 471 9.97 34.83 -18.54
C ARG A 471 9.44 34.24 -19.84
N ASP A 472 8.18 34.47 -20.16
CA ASP A 472 7.58 34.05 -21.43
C ASP A 472 7.40 32.53 -21.47
N ILE A 473 7.09 31.96 -20.32
CA ILE A 473 6.79 30.53 -20.18
C ILE A 473 5.29 30.39 -19.94
N LEU A 474 4.60 29.72 -20.87
CA LEU A 474 3.18 29.44 -20.72
C LEU A 474 3.00 28.36 -19.66
N ILE A 475 1.94 28.49 -18.84
CA ILE A 475 1.67 27.50 -17.81
C ILE A 475 0.37 26.76 -18.10
N LEU A 476 0.40 25.44 -17.95
CA LEU A 476 -0.80 24.61 -17.91
C LEU A 476 -0.92 24.11 -16.49
N SER A 477 -2.02 24.42 -15.81
CA SER A 477 -2.08 24.17 -14.36
C SER A 477 -3.13 23.14 -13.96
N GLY A 478 -2.79 22.38 -12.91
CA GLY A 478 -3.71 21.47 -12.26
C GLY A 478 -3.47 21.32 -10.78
N GLY A 479 -4.55 21.01 -10.04
CA GLY A 479 -4.46 20.72 -8.62
C GLY A 479 -4.84 21.90 -7.75
N CYS A 480 -4.61 21.73 -6.45
CA CYS A 480 -4.78 22.84 -5.50
C CYS A 480 -3.95 24.05 -5.93
N GLY A 481 -2.84 23.80 -6.64
CA GLY A 481 -2.05 24.91 -7.16
C GLY A 481 -2.77 25.65 -8.27
N ASN A 482 -3.54 24.93 -9.09
CA ASN A 482 -4.40 25.59 -10.07
C ASN A 482 -5.50 26.42 -9.37
N HIS A 483 -6.11 25.88 -8.31
CA HIS A 483 -7.09 26.70 -7.58
C HIS A 483 -6.44 27.98 -7.07
N ALA A 484 -5.20 27.88 -6.59
CA ALA A 484 -4.48 29.04 -6.08
C ALA A 484 -4.31 30.10 -7.15
N LEU A 485 -3.91 29.69 -8.35
CA LEU A 485 -3.69 30.64 -9.44
C LEU A 485 -4.99 31.27 -9.91
N GLU A 486 -6.09 30.51 -9.93
CA GLU A 486 -7.38 31.07 -10.27
C GLU A 486 -7.76 32.16 -9.26
N VAL A 487 -7.62 31.86 -7.97
CA VAL A 487 -8.03 32.81 -6.95
C VAL A 487 -7.15 34.05 -6.97
N ALA A 488 -5.87 33.90 -7.31
CA ALA A 488 -4.94 35.01 -7.41
C ALA A 488 -5.08 35.82 -8.70
N GLY A 489 -5.95 35.43 -9.61
CA GLY A 489 -6.20 36.21 -10.79
C GLY A 489 -5.27 35.99 -11.95
N LEU A 490 -4.55 34.87 -11.98
CA LEU A 490 -3.61 34.61 -13.07
C LEU A 490 -4.27 33.89 -14.23
N CYS A 491 -5.55 33.58 -14.12
CA CYS A 491 -6.25 32.76 -15.09
C CYS A 491 -7.35 33.51 -15.84
N ASN A 492 -7.30 34.83 -15.81
CA ASN A 492 -8.23 35.66 -16.56
C ASN A 492 -7.45 36.52 -17.55
N LEU A 493 -8.19 37.23 -18.39
CA LEU A 493 -7.53 37.96 -19.47
C LEU A 493 -6.72 39.13 -18.94
N ASP A 494 -7.05 39.67 -17.77
CA ASP A 494 -6.22 40.73 -17.21
C ASP A 494 -4.80 40.25 -16.96
N ALA A 495 -4.65 38.95 -16.67
CA ALA A 495 -3.34 38.38 -16.36
C ALA A 495 -2.42 38.38 -17.58
N ILE A 496 -2.95 38.62 -18.78
CA ILE A 496 -2.10 38.74 -19.96
C ILE A 496 -0.99 39.75 -19.69
N ASN A 497 -1.32 40.84 -19.01
CA ASN A 497 -0.38 41.93 -18.79
C ASN A 497 0.66 41.65 -17.72
N LEU A 498 0.53 40.52 -17.01
CA LEU A 498 1.56 40.05 -16.10
C LEU A 498 2.63 39.24 -16.82
N ALA A 499 2.37 38.82 -18.04
CA ALA A 499 3.30 37.98 -18.79
C ALA A 499 4.36 38.87 -19.46
N GLY A 500 5.45 38.20 -19.87
CA GLY A 500 6.55 38.86 -20.51
C GLY A 500 6.20 39.31 -21.91
N PRO A 501 7.19 39.89 -22.60
CA PRO A 501 6.91 40.54 -23.88
C PRO A 501 6.33 39.61 -24.94
N GLY A 502 6.85 38.39 -25.06
CA GLY A 502 6.42 37.45 -26.06
C GLY A 502 5.12 36.76 -25.72
N LEU A 503 5.01 36.26 -24.48
CA LEU A 503 3.82 35.52 -24.08
C LEU A 503 2.62 36.44 -23.96
N SER A 504 2.82 37.64 -23.44
CA SER A 504 1.72 38.59 -23.40
C SER A 504 1.18 38.87 -24.79
N GLU A 505 2.05 39.04 -25.77
CA GLU A 505 1.59 39.34 -27.13
C GLU A 505 0.83 38.18 -27.73
N VAL A 506 1.32 36.96 -27.53
CA VAL A 506 0.65 35.77 -28.05
C VAL A 506 -0.71 35.61 -27.38
N CYS A 507 -0.74 35.73 -26.06
CA CYS A 507 -2.00 35.55 -25.37
C CYS A 507 -3.01 36.62 -25.76
N ARG A 508 -2.55 37.86 -25.97
CA ARG A 508 -3.47 38.91 -26.39
C ARG A 508 -4.07 38.60 -27.75
N ASN A 509 -3.25 38.10 -28.68
CA ASN A 509 -3.73 37.77 -30.01
C ASN A 509 -4.68 36.59 -30.00
N LEU A 510 -4.43 35.61 -29.12
CA LEU A 510 -5.25 34.40 -29.05
C LEU A 510 -6.42 34.57 -28.10
N ASN A 511 -6.41 35.62 -27.29
CA ASN A 511 -7.45 35.85 -26.31
C ASN A 511 -7.54 34.71 -25.29
N ILE A 512 -6.39 34.31 -24.76
CA ILE A 512 -6.33 33.32 -23.69
C ILE A 512 -5.45 33.87 -22.58
N PRO A 513 -5.63 33.39 -21.34
CA PRO A 513 -4.73 33.82 -20.26
C PRO A 513 -3.37 33.17 -20.38
N PRO A 514 -2.37 33.66 -19.65
CA PRO A 514 -1.04 33.04 -19.68
C PRO A 514 -0.91 31.81 -18.79
N VAL A 515 -1.94 31.53 -17.99
CA VAL A 515 -2.03 30.32 -17.19
C VAL A 515 -3.33 29.66 -17.61
N LEU A 516 -3.23 28.45 -18.17
CA LEU A 516 -4.38 27.72 -18.68
C LEU A 516 -4.79 26.67 -17.66
N SER A 517 -6.01 26.82 -17.11
CA SER A 517 -6.51 25.90 -16.10
C SER A 517 -6.90 24.55 -16.74
N PHE A 518 -6.09 23.52 -16.47
CA PHE A 518 -6.29 22.17 -17.00
C PHE A 518 -6.95 21.25 -15.99
N GLY A 519 -7.23 21.75 -14.78
CA GLY A 519 -8.06 21.04 -13.83
C GLY A 519 -7.36 20.59 -12.57
N THR A 520 -7.17 19.28 -12.46
CA THR A 520 -6.77 18.61 -11.22
C THR A 520 -5.42 17.91 -11.40
N CYS A 521 -4.85 17.45 -10.29
CA CYS A 521 -3.69 16.58 -10.34
CA CYS A 521 -3.67 16.61 -10.42
C CYS A 521 -3.99 15.31 -11.13
N THR A 522 -5.25 14.89 -11.13
CA THR A 522 -5.70 13.75 -11.90
C THR A 522 -5.60 14.00 -13.39
N ASP A 523 -5.45 15.27 -13.79
CA ASP A 523 -5.29 15.65 -15.19
C ASP A 523 -3.83 15.69 -15.64
N THR A 524 -2.88 15.16 -14.85
CA THR A 524 -1.51 15.00 -15.35
C THR A 524 -1.48 14.17 -16.62
N GLY A 525 -2.22 13.06 -16.65
CA GLY A 525 -2.27 12.25 -17.86
C GLY A 525 -2.79 13.06 -19.04
N ARG A 526 -3.82 13.85 -18.82
CA ARG A 526 -4.32 14.71 -19.89
C ARG A 526 -3.28 15.73 -20.33
N ILE A 527 -2.57 16.36 -19.38
CA ILE A 527 -1.49 17.28 -19.74
C ILE A 527 -0.44 16.56 -20.59
N SER A 528 -0.17 15.28 -20.27
CA SER A 528 0.79 14.51 -21.06
C SER A 528 0.33 14.34 -22.50
N LEU A 529 -0.98 14.39 -22.76
CA LEU A 529 -1.42 14.35 -24.14
C LEU A 529 -0.95 15.59 -24.90
N VAL A 530 -0.95 16.76 -24.24
CA VAL A 530 -0.47 17.98 -24.89
C VAL A 530 1.03 17.88 -25.13
N VAL A 531 1.80 17.48 -24.12
CA VAL A 531 3.24 17.33 -24.30
C VAL A 531 3.54 16.27 -25.37
N THR A 532 2.81 15.15 -25.35
CA THR A 532 2.95 14.14 -26.40
C THR A 532 2.68 14.74 -27.78
N ALA A 533 1.65 15.60 -27.90
CA ALA A 533 1.37 16.24 -29.18
C ALA A 533 2.51 17.13 -29.63
N LEU A 534 3.15 17.85 -28.71
CA LEU A 534 4.30 18.66 -29.07
C LEU A 534 5.45 17.78 -29.55
N ALA A 535 5.72 16.67 -28.83
CA ALA A 535 6.81 15.77 -29.24
C ALA A 535 6.56 15.24 -30.64
N ASN A 536 5.33 14.90 -30.94
CA ASN A 536 5.01 14.37 -32.26
C ASN A 536 5.12 15.45 -33.33
N ALA A 537 4.69 16.67 -33.02
CA ALA A 537 4.74 17.75 -34.00
C ALA A 537 6.18 18.14 -34.33
N LEU A 538 7.06 18.12 -33.32
CA LEU A 538 8.47 18.42 -33.53
C LEU A 538 9.28 17.19 -33.94
N ASN A 539 8.66 16.01 -33.93
CA ASN A 539 9.36 14.73 -34.15
C ASN A 539 10.60 14.57 -33.25
N VAL A 540 10.41 14.81 -31.95
CA VAL A 540 11.49 14.66 -31.00
C VAL A 540 10.96 13.89 -29.79
N ASP A 541 11.88 13.45 -28.94
CA ASP A 541 11.50 12.83 -27.68
C ASP A 541 11.01 13.88 -26.69
N THR A 542 10.19 13.44 -25.75
CA THR A 542 9.67 14.35 -24.74
C THR A 542 10.80 15.00 -23.94
N ALA A 543 11.87 14.25 -23.68
CA ALA A 543 13.03 14.76 -22.95
C ALA A 543 13.76 15.87 -23.69
N ASP A 544 13.46 16.07 -24.97
CA ASP A 544 14.09 17.08 -25.79
C ASP A 544 13.28 18.35 -25.88
N LEU A 545 12.05 18.35 -25.39
CA LEU A 545 11.17 19.47 -25.56
C LEU A 545 11.48 20.60 -24.59
N PRO A 546 11.17 21.85 -24.96
CA PRO A 546 11.33 23.01 -24.05
C PRO A 546 10.14 23.11 -23.09
N VAL A 547 10.06 22.14 -22.18
CA VAL A 547 8.99 22.08 -21.18
C VAL A 547 9.61 21.70 -19.83
N ALA A 548 8.81 21.82 -18.79
CA ALA A 548 9.18 21.37 -17.46
C ALA A 548 7.90 21.18 -16.66
N VAL A 549 8.03 20.54 -15.51
CA VAL A 549 6.95 20.38 -14.54
C VAL A 549 7.39 20.98 -13.21
N THR A 550 6.44 21.55 -12.47
CA THR A 550 6.69 22.01 -11.12
C THR A 550 5.52 21.65 -10.23
N ALA A 551 5.85 21.11 -9.05
CA ALA A 551 4.92 20.93 -7.94
C ALA A 551 5.54 21.73 -6.79
N PRO A 552 5.29 23.04 -6.72
CA PRO A 552 6.09 23.92 -5.86
C PRO A 552 5.59 24.07 -4.43
N MET A 553 4.43 23.50 -4.10
CA MET A 553 3.95 23.40 -2.72
C MET A 553 3.24 22.06 -2.55
N TYR A 554 3.96 20.99 -2.85
CA TYR A 554 3.40 19.66 -2.81
C TYR A 554 3.09 19.31 -1.36
N MET A 555 2.05 18.52 -1.17
CA MET A 555 1.64 18.04 0.14
CA MET A 555 1.71 18.05 0.16
C MET A 555 1.70 16.53 0.27
N GLU A 556 1.07 15.80 -0.64
CA GLU A 556 1.07 14.35 -0.48
C GLU A 556 1.26 13.68 -1.84
N GLN A 557 0.95 12.40 -1.87
CA GLN A 557 1.44 11.56 -2.96
C GLN A 557 0.54 11.53 -4.18
N LYS A 558 -0.57 12.24 -4.20
CA LYS A 558 -1.17 12.51 -5.50
C LYS A 558 -0.22 13.34 -6.35
N ALA A 559 0.46 14.29 -5.73
CA ALA A 559 1.41 15.10 -6.47
C ALA A 559 2.71 14.35 -6.74
N THR A 560 3.22 13.62 -5.75
CA THR A 560 4.50 12.97 -5.97
C THR A 560 4.40 11.85 -7.00
N ILE A 561 3.25 11.14 -7.08
CA ILE A 561 3.10 10.15 -8.14
C ILE A 561 3.11 10.82 -9.51
N ASP A 562 2.55 12.03 -9.63
CA ASP A 562 2.64 12.78 -10.88
C ASP A 562 4.09 13.21 -11.17
N ALA A 563 4.83 13.59 -10.13
CA ALA A 563 6.24 13.92 -10.30
C ALA A 563 7.04 12.69 -10.75
N LEU A 564 6.76 11.53 -10.15
CA LEU A 564 7.45 10.30 -10.58
C LEU A 564 7.12 9.98 -12.03
N PHE A 565 5.86 10.11 -12.43
CA PHE A 565 5.51 10.00 -13.85
C PHE A 565 6.35 10.95 -14.69
N ALA A 566 6.43 12.23 -14.27
CA ALA A 566 7.12 13.24 -15.08
C ALA A 566 8.58 12.87 -15.27
N LEU A 567 9.21 12.33 -14.22
CA LEU A 567 10.58 11.87 -14.35
C LEU A 567 10.68 10.70 -15.35
N ALA A 568 9.75 9.76 -15.26
CA ALA A 568 9.76 8.61 -16.17
C ALA A 568 9.51 9.08 -17.60
N TYR A 569 8.71 10.14 -17.77
CA TYR A 569 8.35 10.72 -19.05
C TYR A 569 9.46 11.62 -19.58
N GLY A 570 10.53 11.81 -18.80
CA GLY A 570 11.74 12.43 -19.29
C GLY A 570 11.87 13.92 -19.01
N LEU A 571 11.14 14.45 -18.05
CA LEU A 571 11.06 15.89 -17.86
C LEU A 571 11.82 16.36 -16.62
N TYR A 572 12.33 17.58 -16.74
CA TYR A 572 12.75 18.36 -15.59
C TYR A 572 11.55 18.61 -14.69
N THR A 573 11.66 18.18 -13.44
CA THR A 573 10.52 18.11 -12.54
C THR A 573 10.94 18.77 -11.23
N HIS A 574 10.50 20.01 -11.04
CA HIS A 574 10.78 20.72 -9.80
C HIS A 574 9.74 20.37 -8.74
N VAL A 575 10.22 20.11 -7.53
CA VAL A 575 9.36 19.78 -6.40
C VAL A 575 9.81 20.58 -5.18
N ALA A 576 8.86 21.25 -4.54
CA ALA A 576 9.10 21.94 -3.28
C ALA A 576 7.85 21.77 -2.42
N PRO A 577 8.00 21.65 -1.09
CA PRO A 577 9.24 21.52 -0.34
C PRO A 577 10.01 20.26 -0.69
N ASP A 578 11.21 20.10 -0.14
CA ASP A 578 11.99 18.92 -0.48
C ASP A 578 11.19 17.68 -0.04
N PRO A 579 11.05 16.68 -0.89
CA PRO A 579 10.61 15.37 -0.40
C PRO A 579 11.59 14.87 0.65
N PRO A 580 11.18 13.94 1.52
CA PRO A 580 12.09 13.47 2.58
C PRO A 580 13.11 12.45 2.07
N VAL A 581 14.10 12.99 1.34
CA VAL A 581 15.15 12.15 0.77
C VAL A 581 16.53 12.81 0.88
N MET A 582 16.61 14.04 1.40
CA MET A 582 17.88 14.75 1.25
C MET A 582 19.01 14.20 2.11
N GLY A 583 18.69 13.31 3.04
CA GLY A 583 19.72 12.68 3.85
C GLY A 583 20.37 11.48 3.21
N ALA A 584 19.99 11.17 1.98
CA ALA A 584 20.42 9.97 1.27
C ALA A 584 21.21 10.42 0.05
N PRO A 585 22.54 10.57 0.17
CA PRO A 585 23.28 11.29 -0.89
C PRO A 585 23.29 10.57 -2.23
N ASN A 586 23.33 9.24 -2.24
CA ASN A 586 23.34 8.53 -3.50
C ASN A 586 21.99 8.58 -4.19
N LEU A 587 20.91 8.52 -3.40
CA LEU A 587 19.59 8.72 -3.97
C LEU A 587 19.45 10.12 -4.54
N VAL A 588 19.90 11.13 -3.79
CA VAL A 588 19.87 12.49 -4.32
C VAL A 588 20.61 12.58 -5.65
N LYS A 589 21.82 11.99 -5.71
CA LYS A 589 22.61 12.01 -6.94
C LYS A 589 21.83 11.36 -8.08
N LEU A 590 21.24 10.20 -7.82
CA LEU A 590 20.45 9.54 -8.86
C LEU A 590 19.33 10.44 -9.37
N LEU A 591 18.55 11.03 -8.46
CA LEU A 591 17.35 11.75 -8.87
C LEU A 591 17.67 13.10 -9.50
N THR A 592 18.75 13.75 -9.07
CA THR A 592 19.03 15.11 -9.52
C THR A 592 20.07 15.17 -10.61
N ARG A 593 20.97 14.18 -10.70
CA ARG A 593 22.04 14.28 -11.67
C ARG A 593 22.21 13.11 -12.62
N ASP A 594 21.88 11.90 -12.21
CA ASP A 594 22.07 10.78 -13.11
C ASP A 594 20.83 10.44 -13.94
N LEU A 595 19.64 10.82 -13.49
CA LEU A 595 18.44 10.48 -14.26
C LEU A 595 18.45 11.05 -15.67
N PRO A 596 19.05 12.20 -15.96
CA PRO A 596 19.05 12.66 -17.36
C PRO A 596 19.66 11.66 -18.33
N SER A 597 20.61 10.86 -17.88
CA SER A 597 21.22 9.84 -18.73
C SER A 597 20.44 8.54 -18.73
N ILE A 598 19.33 8.47 -18.00
CA ILE A 598 18.55 7.25 -17.83
C ILE A 598 17.18 7.45 -18.44
N THR A 599 16.37 8.31 -17.83
CA THR A 599 15.06 8.62 -18.42
C THR A 599 15.06 9.92 -19.18
N GLY A 600 16.06 10.77 -18.97
CA GLY A 600 16.06 12.12 -19.49
C GLY A 600 15.60 13.19 -18.51
N GLY A 601 14.84 12.80 -17.49
CA GLY A 601 14.31 13.73 -16.52
C GLY A 601 15.27 13.96 -15.38
N ARG A 602 14.86 14.83 -14.46
CA ARG A 602 15.61 15.08 -13.24
C ARG A 602 14.71 15.82 -12.26
N ILE A 603 15.04 15.68 -10.99
CA ILE A 603 14.42 16.45 -9.91
C ILE A 603 15.20 17.74 -9.72
N ALA A 604 14.47 18.82 -9.52
CA ALA A 604 14.99 20.12 -9.15
C ALA A 604 14.30 20.53 -7.85
N VAL A 605 14.97 21.36 -7.06
CA VAL A 605 14.50 21.72 -5.73
C VAL A 605 14.62 23.22 -5.51
N GLY A 606 14.00 23.69 -4.43
CA GLY A 606 14.07 25.09 -4.03
C GLY A 606 12.72 25.77 -3.90
N SER A 607 12.61 26.76 -3.02
CA SER A 607 11.37 27.51 -2.83
C SER A 607 11.50 29.00 -3.13
N ASP A 608 12.64 29.48 -3.62
CA ASP A 608 12.79 30.88 -4.00
C ASP A 608 12.19 31.04 -5.39
N PRO A 609 11.08 31.77 -5.54
CA PRO A 609 10.43 31.81 -6.87
C PRO A 609 11.33 32.27 -8.00
N VAL A 610 12.22 33.24 -7.74
CA VAL A 610 13.09 33.75 -8.79
C VAL A 610 14.14 32.71 -9.19
N LYS A 611 14.79 32.09 -8.20
CA LYS A 611 15.80 31.08 -8.50
C LYS A 611 15.17 29.88 -9.19
N VAL A 612 14.02 29.42 -8.71
CA VAL A 612 13.37 28.26 -9.31
C VAL A 612 12.99 28.56 -10.75
N ALA A 613 12.44 29.75 -11.01
CA ALA A 613 12.06 30.14 -12.36
C ALA A 613 13.28 30.28 -13.27
N ASP A 614 14.37 30.84 -12.74
CA ASP A 614 15.59 30.95 -13.53
C ASP A 614 16.12 29.57 -13.89
N ASP A 615 16.05 28.63 -12.95
CA ASP A 615 16.54 27.29 -13.25
C ASP A 615 15.64 26.61 -14.28
N ILE A 616 14.33 26.78 -14.17
CA ILE A 616 13.43 26.25 -15.19
C ILE A 616 13.73 26.84 -16.56
N LEU A 617 13.86 28.17 -16.62
CA LEU A 617 14.14 28.83 -17.89
C LEU A 617 15.47 28.37 -18.46
N ALA A 618 16.47 28.14 -17.61
CA ALA A 618 17.77 27.68 -18.10
C ALA A 618 17.65 26.29 -18.72
N HIS A 619 16.89 25.40 -18.11
CA HIS A 619 16.64 24.10 -18.73
C HIS A 619 15.92 24.26 -20.06
N ILE A 620 14.84 25.05 -20.08
CA ILE A 620 14.11 25.29 -21.33
C ILE A 620 15.05 25.84 -22.40
N ASN A 621 15.88 26.83 -22.06
CA ASN A 621 16.78 27.39 -23.06
C ASN A 621 17.82 26.39 -23.51
N ASP A 622 18.24 25.48 -22.63
CA ASP A 622 19.13 24.41 -23.06
C ASP A 622 18.45 23.52 -24.09
N ARG A 623 17.19 23.15 -23.82
CA ARG A 623 16.45 22.34 -24.78
C ARG A 623 16.28 23.08 -26.09
N ARG A 624 15.94 24.37 -26.03
CA ARG A 624 15.81 25.16 -27.23
C ARG A 624 17.10 25.15 -28.04
N ALA A 625 18.23 25.34 -27.38
CA ALA A 625 19.50 25.40 -28.09
C ALA A 625 19.77 24.11 -28.85
N LYS A 626 19.47 22.97 -28.22
CA LYS A 626 19.70 21.68 -28.86
C LYS A 626 18.73 21.41 -30.02
N LEU A 627 17.58 22.11 -30.04
CA LEU A 627 16.62 22.05 -31.14
C LEU A 627 16.89 23.08 -32.23
N GLY A 628 17.87 23.96 -32.05
CA GLY A 628 18.14 24.99 -33.02
C GLY A 628 17.17 26.15 -33.01
N ILE A 629 16.44 26.36 -31.92
CA ILE A 629 15.46 27.46 -31.88
C ILE A 629 15.79 28.46 -30.79
N MET B 1 27.34 -10.25 28.37
CA MET B 1 27.30 -9.50 27.06
C MET B 1 26.06 -8.62 26.98
N ALA B 2 26.29 -7.35 26.69
CA ALA B 2 25.20 -6.38 26.54
C ALA B 2 24.60 -6.41 25.14
N THR B 3 25.11 -7.24 24.24
CA THR B 3 24.57 -7.37 22.89
C THR B 3 23.70 -8.62 22.81
N LYS B 4 22.43 -8.43 22.40
CA LYS B 4 21.55 -9.56 22.20
C LYS B 4 21.97 -10.32 20.94
N THR B 5 22.31 -11.60 21.11
CA THR B 5 22.62 -12.47 19.99
C THR B 5 21.51 -13.45 19.89
N SER B 6 21.63 -14.68 20.41
CA SER B 6 20.68 -15.75 20.13
C SER B 6 20.61 -16.72 21.30
N ILE B 7 19.48 -17.42 21.40
CA ILE B 7 19.42 -18.55 22.32
CA ILE B 7 19.35 -18.56 22.29
C ILE B 7 20.03 -19.80 21.72
N HIS B 8 20.31 -19.82 20.42
CA HIS B 8 20.80 -21.02 19.75
C HIS B 8 22.32 -21.05 19.76
N PRO B 9 22.93 -22.11 20.30
CA PRO B 9 24.40 -22.19 20.28
C PRO B 9 25.01 -22.07 18.90
N SER B 10 24.36 -22.64 17.87
CA SER B 10 24.93 -22.60 16.52
C SER B 10 25.07 -21.16 16.03
N VAL B 11 24.04 -20.36 16.26
CA VAL B 11 24.07 -18.96 15.84
C VAL B 11 25.11 -18.17 16.62
N ASN B 12 25.20 -18.39 17.94
CA ASN B 12 26.18 -17.65 18.70
C ASN B 12 27.60 -18.00 18.23
N GLU B 13 27.84 -19.27 17.93
CA GLU B 13 29.14 -19.66 17.38
C GLU B 13 29.46 -18.92 16.09
N LEU B 14 28.49 -18.81 15.19
CA LEU B 14 28.72 -18.13 13.93
C LEU B 14 28.76 -16.62 14.09
N TYR B 15 27.96 -16.06 15.00
CA TYR B 15 28.12 -14.65 15.36
C TYR B 15 29.57 -14.35 15.73
N GLN B 16 30.21 -15.24 16.49
CA GLN B 16 31.60 -15.03 16.87
C GLN B 16 32.51 -14.88 15.65
N ARG B 17 32.24 -15.64 14.59
CA ARG B 17 33.05 -15.48 13.38
C ARG B 17 32.75 -14.15 12.69
N LEU B 18 31.48 -13.77 12.58
CA LEU B 18 31.16 -12.49 11.96
C LEU B 18 31.87 -11.36 12.67
N ALA B 19 31.86 -11.38 14.02
CA ALA B 19 32.51 -10.34 14.81
C ALA B 19 34.02 -10.38 14.64
N GLU B 20 34.63 -11.57 14.70
CA GLU B 20 36.07 -11.68 14.49
C GLU B 20 36.46 -11.16 13.10
N ASP B 21 35.68 -11.51 12.09
CA ASP B 21 35.89 -11.03 10.71
C ASP B 21 35.50 -9.58 10.55
N GLN B 22 34.95 -8.95 11.58
CA GLN B 22 34.61 -7.53 11.54
C GLN B 22 33.61 -7.22 10.44
N LEU B 23 32.64 -8.11 10.26
CA LEU B 23 31.56 -7.91 9.31
C LEU B 23 30.32 -7.40 10.04
N SER B 24 29.68 -6.40 9.46
CA SER B 24 28.43 -5.91 10.00
C SER B 24 27.40 -7.04 10.04
N ASN B 25 26.52 -6.98 11.03
CA ASN B 25 25.49 -7.99 11.20
C ASN B 25 24.38 -7.40 12.06
N CYS B 26 23.20 -8.03 12.01
CA CYS B 26 22.04 -7.48 12.68
C CYS B 26 22.26 -7.34 14.17
N PHE B 27 22.90 -8.32 14.80
CA PHE B 27 23.13 -8.30 16.24
C PHE B 27 23.92 -7.06 16.64
N ASP B 28 25.03 -6.81 15.96
CA ASP B 28 25.84 -5.65 16.30
C ASP B 28 25.18 -4.34 15.89
N ARG B 29 24.42 -4.32 14.78
CA ARG B 29 23.79 -3.09 14.33
C ARG B 29 22.68 -2.63 15.28
N PHE B 30 22.18 -3.53 16.13
CA PHE B 30 21.18 -3.12 17.12
C PHE B 30 21.72 -2.05 18.06
N ASP B 31 23.01 -2.15 18.45
CA ASP B 31 23.51 -1.34 19.55
C ASP B 31 23.60 0.13 19.21
N PRO B 32 24.12 0.54 18.06
CA PRO B 32 24.11 1.98 17.74
C PRO B 32 22.72 2.56 17.74
N GLN B 33 21.73 1.79 17.28
CA GLN B 33 20.37 2.31 17.25
C GLN B 33 19.88 2.65 18.63
N GLU B 34 20.37 1.93 19.66
CA GLU B 34 19.93 2.12 21.04
C GLU B 34 20.44 3.42 21.63
N LYS B 35 21.37 4.08 20.97
CA LYS B 35 21.88 5.35 21.47
C LYS B 35 20.91 6.49 21.22
N ILE B 36 20.09 6.38 20.17
CA ILE B 36 19.30 7.52 19.73
C ILE B 36 17.87 7.12 19.38
N ARG B 37 17.31 6.12 20.06
CA ARG B 37 15.95 5.69 19.73
C ARG B 37 14.94 6.82 19.90
N CYS B 38 14.02 6.91 18.93
CA CYS B 38 12.96 7.90 18.95
C CYS B 38 11.78 7.35 19.74
N ASN B 39 11.47 7.97 20.88
CA ASN B 39 10.33 7.48 21.64
C ASN B 39 8.99 7.85 21.00
N TYR B 40 8.93 8.91 20.18
CA TYR B 40 7.69 9.20 19.48
C TYR B 40 7.31 8.05 18.58
N CYS B 41 8.28 7.58 17.77
CA CYS B 41 8.02 6.46 16.87
C CYS B 41 7.76 5.19 17.64
N GLU B 42 8.47 4.98 18.76
CA GLU B 42 8.24 3.78 19.56
C GLU B 42 6.79 3.69 19.97
N LEU B 43 6.17 4.83 20.28
CA LEU B 43 4.81 4.91 20.79
C LEU B 43 3.76 5.11 19.71
N GLY B 44 4.16 5.25 18.46
CA GLY B 44 3.23 5.40 17.36
C GLY B 44 2.73 6.80 17.16
N VAL B 45 3.33 7.80 17.80
CA VAL B 45 2.83 9.16 17.79
C VAL B 45 3.75 10.10 17.03
N SER B 46 4.29 9.61 15.93
CA SER B 46 4.93 10.43 14.89
C SER B 46 4.26 10.10 13.56
N CYS B 47 4.39 11.04 12.62
CA CYS B 47 3.81 10.88 11.30
C CYS B 47 4.69 11.54 10.25
N GLN B 48 4.85 10.84 9.11
CA GLN B 48 5.67 11.36 8.03
C GLN B 48 4.91 11.31 6.71
N LEU B 49 3.59 11.39 6.75
CA LEU B 49 2.81 11.08 5.55
C LEU B 49 2.59 12.26 4.60
N CYS B 50 2.89 13.50 5.00
CA CYS B 50 2.76 14.61 4.08
C CYS B 50 3.80 15.68 4.39
N SER B 51 3.86 16.69 3.52
CA SER B 51 4.93 17.67 3.63
C SER B 51 4.72 18.67 4.75
N ASN B 52 3.51 18.78 5.31
CA ASN B 52 3.37 19.61 6.50
C ASN B 52 4.04 18.96 7.73
N GLY B 53 4.37 17.68 7.64
CA GLY B 53 5.14 17.01 8.66
C GLY B 53 6.62 17.28 8.52
N PRO B 54 7.44 16.49 9.21
CA PRO B 54 7.02 15.36 10.04
C PRO B 54 6.36 15.88 11.30
N CYS B 55 5.33 15.18 11.77
CA CYS B 55 4.59 15.62 12.94
C CYS B 55 4.82 14.66 14.10
N ARG B 56 4.56 15.19 15.30
CA ARG B 56 4.58 14.43 16.53
C ARG B 56 3.44 14.89 17.44
N ILE B 57 2.90 13.96 18.22
CA ILE B 57 1.92 14.31 19.24
C ILE B 57 2.65 14.55 20.55
N ASN B 58 2.50 15.76 21.09
CA ASN B 58 3.04 16.10 22.40
C ASN B 58 2.15 17.21 22.98
N GLU B 59 1.25 16.80 23.88
CA GLU B 59 0.29 17.74 24.43
C GLU B 59 0.96 18.82 25.27
N LYS B 60 2.07 18.49 25.93
CA LYS B 60 2.72 19.46 26.81
C LYS B 60 3.23 20.67 26.04
N VAL B 61 3.68 20.47 24.79
CA VAL B 61 4.17 21.58 23.99
C VAL B 61 3.09 22.20 23.13
N GLY B 62 1.85 21.74 23.25
CA GLY B 62 0.78 22.27 22.44
C GLY B 62 0.49 21.50 21.17
N ALA B 63 1.24 20.42 20.92
CA ALA B 63 1.10 19.61 19.70
C ALA B 63 0.12 18.46 19.94
N THR B 64 -1.13 18.84 20.21
CA THR B 64 -2.16 17.85 20.46
C THR B 64 -2.58 17.11 19.19
N LEU B 65 -2.51 17.76 18.05
CA LEU B 65 -2.93 17.21 16.79
C LEU B 65 -1.82 17.44 15.77
N GLY B 66 -1.81 16.60 14.72
CA GLY B 66 -0.98 16.89 13.56
C GLY B 66 -1.43 18.17 12.86
N VAL B 67 -0.59 18.69 11.95
CA VAL B 67 -0.96 19.92 11.26
C VAL B 67 -2.34 19.75 10.60
N CYS B 68 -2.59 18.59 9.99
CA CYS B 68 -3.87 18.35 9.32
C CYS B 68 -5.06 18.23 10.26
N GLY B 69 -4.82 18.05 11.56
CA GLY B 69 -5.87 17.88 12.55
C GLY B 69 -6.03 16.47 13.10
N ILE B 70 -5.25 15.49 12.65
CA ILE B 70 -5.42 14.12 13.13
C ILE B 70 -4.93 14.00 14.57
N ASN B 71 -5.62 13.16 15.35
CA ASN B 71 -5.23 12.90 16.74
C ASN B 71 -4.33 11.67 16.83
N ALA B 72 -3.83 11.42 18.05
CA ALA B 72 -2.84 10.38 18.24
C ALA B 72 -3.39 9.01 17.89
N ASP B 73 -4.67 8.76 18.21
CA ASP B 73 -5.27 7.46 17.92
C ASP B 73 -5.37 7.22 16.43
N GLY B 74 -5.79 8.24 15.68
CA GLY B 74 -5.87 8.11 14.24
C GLY B 74 -4.49 7.97 13.61
N MET B 75 -3.53 8.73 14.12
CA MET B 75 -2.17 8.68 13.61
C MET B 75 -1.60 7.28 13.74
N ALA B 76 -1.68 6.70 14.95
CA ALA B 76 -1.08 5.40 15.19
C ALA B 76 -1.79 4.29 14.40
N MET B 77 -3.12 4.30 14.39
CA MET B 77 -3.79 3.23 13.68
C MET B 77 -3.63 3.35 12.16
N ARG B 78 -3.53 4.58 11.65
CA ARG B 78 -3.35 4.78 10.23
C ARG B 78 -1.99 4.22 9.75
N TYR B 79 -0.91 4.50 10.48
CA TYR B 79 0.39 3.97 10.04
C TYR B 79 0.42 2.45 10.19
N MET B 80 -0.24 1.92 11.23
CA MET B 80 -0.41 0.47 11.32
C MET B 80 -1.13 -0.07 10.09
N LEU B 81 -2.23 0.56 9.70
CA LEU B 81 -2.96 0.07 8.54
C LEU B 81 -2.09 0.12 7.29
N LEU B 82 -1.38 1.23 7.08
CA LEU B 82 -0.53 1.38 5.90
C LEU B 82 0.53 0.28 5.86
N ARG B 83 1.19 0.02 7.00
CA ARG B 83 2.19 -1.02 6.99
C ARG B 83 1.55 -2.38 6.71
N ASN B 84 0.33 -2.60 7.20
CA ASN B 84 -0.35 -3.86 6.92
C ASN B 84 -0.82 -3.99 5.49
N VAL B 85 -0.86 -2.90 4.70
CA VAL B 85 -1.01 -3.02 3.27
C VAL B 85 0.17 -3.79 2.68
N MET B 86 1.37 -3.54 3.20
CA MET B 86 2.53 -4.30 2.74
C MET B 86 2.36 -5.78 3.04
N GLY B 87 1.95 -6.10 4.28
CA GLY B 87 1.77 -7.51 4.63
C GLY B 87 0.76 -8.20 3.72
N THR B 88 -0.41 -7.57 3.55
CA THR B 88 -1.44 -8.13 2.69
C THR B 88 -0.94 -8.26 1.25
N SER B 89 -0.17 -7.27 0.79
CA SER B 89 0.35 -7.33 -0.58
C SER B 89 1.27 -8.54 -0.79
N THR B 90 2.08 -8.91 0.23
CA THR B 90 2.96 -10.06 0.04
C THR B 90 2.17 -11.35 -0.08
N TYR B 91 1.14 -11.52 0.77
CA TYR B 91 0.29 -12.70 0.67
C TYR B 91 -0.46 -12.74 -0.67
N THR B 92 -0.93 -11.58 -1.13
CA THR B 92 -1.65 -11.50 -2.39
C THR B 92 -0.72 -11.81 -3.56
N TYR B 93 0.50 -11.29 -3.52
CA TYR B 93 1.49 -11.59 -4.54
C TYR B 93 1.75 -13.09 -4.63
N HIS B 94 1.98 -13.71 -3.47
CA HIS B 94 2.24 -15.13 -3.39
C HIS B 94 1.06 -15.92 -3.93
N ALA B 95 -0.16 -15.56 -3.52
CA ALA B 95 -1.34 -16.28 -3.97
C ALA B 95 -1.47 -16.23 -5.49
N TYR B 96 -1.34 -15.03 -6.07
CA TYR B 96 -1.45 -14.90 -7.51
C TYR B 96 -0.43 -15.79 -8.22
N GLU B 97 0.81 -15.81 -7.72
CA GLU B 97 1.83 -16.65 -8.35
C GLU B 97 1.51 -18.13 -8.18
N ALA B 98 0.93 -18.52 -7.04
CA ALA B 98 0.50 -19.91 -6.89
C ALA B 98 -0.55 -20.28 -7.92
N TYR B 99 -1.53 -19.39 -8.14
CA TYR B 99 -2.62 -19.69 -9.07
C TYR B 99 -2.11 -19.74 -10.50
N LYS B 100 -1.25 -18.80 -10.87
CA LYS B 100 -0.65 -18.85 -12.19
C LYS B 100 0.23 -20.08 -12.36
N THR B 101 0.88 -20.52 -11.28
CA THR B 101 1.70 -21.71 -11.36
C THR B 101 0.85 -22.95 -11.53
N LEU B 102 -0.29 -23.03 -10.85
CA LEU B 102 -1.18 -24.17 -11.05
C LEU B 102 -1.70 -24.21 -12.49
N LYS B 103 -2.15 -23.06 -12.99
CA LYS B 103 -2.64 -23.00 -14.36
C LYS B 103 -1.57 -23.44 -15.35
N MET B 104 -0.38 -22.88 -15.25
CA MET B 104 0.65 -23.25 -16.22
C MET B 104 1.14 -24.68 -16.03
N THR B 105 1.06 -25.22 -14.81
CA THR B 105 1.31 -26.64 -14.63
C THR B 105 0.28 -27.48 -15.38
N ALA B 106 -1.00 -27.14 -15.24
CA ALA B 106 -2.05 -27.89 -15.92
C ALA B 106 -1.89 -27.81 -17.44
N LEU B 107 -1.32 -26.72 -17.95
CA LEU B 107 -1.11 -26.55 -19.38
C LEU B 107 0.21 -27.17 -19.85
N GLY B 108 0.98 -27.76 -18.94
CA GLY B 108 2.11 -28.57 -19.32
C GLY B 108 3.45 -27.86 -19.37
N ASN B 109 3.53 -26.64 -18.84
CA ASN B 109 4.70 -25.80 -19.06
C ASN B 109 5.55 -25.60 -17.82
N THR B 110 5.45 -26.47 -16.82
CA THR B 110 6.31 -26.44 -15.65
C THR B 110 6.84 -27.83 -15.38
N PRO B 111 7.84 -27.96 -14.50
CA PRO B 111 8.28 -29.29 -14.07
C PRO B 111 7.41 -29.91 -12.98
N PHE B 112 6.30 -29.27 -12.63
CA PHE B 112 5.42 -29.74 -11.58
C PHE B 112 4.28 -30.53 -12.19
N THR B 113 3.47 -31.13 -11.33
CA THR B 113 2.32 -31.90 -11.75
C THR B 113 1.20 -31.69 -10.73
N ILE B 114 0.04 -32.24 -11.02
CA ILE B 114 -1.09 -32.25 -10.10
C ILE B 114 -0.90 -33.47 -9.20
N THR B 115 -0.48 -33.22 -7.96
CA THR B 115 -0.14 -34.30 -7.04
C THR B 115 -1.32 -34.73 -6.20
N ASP B 116 -2.00 -33.80 -5.54
CA ASP B 116 -3.14 -34.14 -4.68
C ASP B 116 -4.41 -33.86 -5.46
N LYS B 117 -4.74 -34.84 -6.33
CA LYS B 117 -5.92 -34.73 -7.17
C LYS B 117 -7.19 -34.82 -6.34
N ASP B 118 -7.16 -35.54 -5.23
CA ASP B 118 -8.34 -35.63 -4.39
C ASP B 118 -8.69 -34.26 -3.82
N LYS B 119 -7.68 -33.52 -3.36
CA LYS B 119 -7.91 -32.16 -2.87
C LYS B 119 -8.42 -31.25 -3.98
N LEU B 120 -7.87 -31.39 -5.18
CA LEU B 120 -8.32 -30.57 -6.29
C LEU B 120 -9.81 -30.77 -6.52
N TYR B 121 -10.26 -32.01 -6.58
CA TYR B 121 -11.66 -32.25 -6.88
C TYR B 121 -12.56 -31.93 -5.70
N GLN B 122 -12.10 -32.21 -4.47
CA GLN B 122 -12.90 -31.85 -3.30
C GLN B 122 -13.06 -30.34 -3.19
N MET B 123 -11.98 -29.58 -3.42
CA MET B 123 -12.10 -28.13 -3.39
C MET B 123 -13.05 -27.63 -4.46
N ALA B 124 -12.91 -28.15 -5.68
CA ALA B 124 -13.80 -27.77 -6.78
C ALA B 124 -15.26 -28.04 -6.40
N LYS B 125 -15.52 -29.20 -5.79
CA LYS B 125 -16.90 -29.52 -5.41
C LYS B 125 -17.39 -28.60 -4.31
N ASP B 126 -16.55 -28.31 -3.31
CA ASP B 126 -16.93 -27.39 -2.24
C ASP B 126 -17.25 -26.00 -2.78
N LEU B 127 -16.57 -25.59 -3.85
CA LEU B 127 -16.75 -24.26 -4.45
C LEU B 127 -17.80 -24.27 -5.57
N GLU B 128 -18.43 -25.42 -5.83
CA GLU B 128 -19.47 -25.56 -6.85
C GLU B 128 -18.93 -25.26 -8.25
N LEU B 129 -17.69 -25.64 -8.51
CA LEU B 129 -17.08 -25.51 -9.82
C LEU B 129 -17.41 -26.73 -10.68
N ASN B 130 -17.34 -26.55 -11.99
CA ASN B 130 -17.55 -27.67 -12.91
C ASN B 130 -16.39 -28.64 -12.82
N THR B 131 -16.68 -29.92 -12.58
CA THR B 131 -15.64 -30.93 -12.43
C THR B 131 -15.62 -31.91 -13.61
N GLU B 132 -16.22 -31.54 -14.73
CA GLU B 132 -16.22 -32.39 -15.90
C GLU B 132 -14.91 -32.24 -16.67
N GLY B 133 -14.60 -33.24 -17.47
CA GLY B 133 -13.37 -33.21 -18.23
C GLY B 133 -12.26 -33.96 -17.54
N LYS B 134 -11.05 -33.43 -17.58
CA LYS B 134 -9.89 -34.05 -16.94
C LYS B 134 -9.33 -33.16 -15.84
N PRO B 135 -8.41 -33.68 -15.02
CA PRO B 135 -7.89 -32.88 -13.89
C PRO B 135 -7.32 -31.54 -14.33
N GLU B 136 -6.67 -31.50 -15.49
CA GLU B 136 -6.13 -30.24 -15.99
C GLU B 136 -7.23 -29.21 -16.20
N ASP B 137 -8.40 -29.64 -16.67
CA ASP B 137 -9.52 -28.71 -16.83
C ASP B 137 -9.96 -28.16 -15.49
N VAL B 138 -10.11 -29.04 -14.49
CA VAL B 138 -10.55 -28.64 -13.18
C VAL B 138 -9.53 -27.71 -12.54
N ALA B 139 -8.24 -27.99 -12.74
CA ALA B 139 -7.19 -27.15 -12.15
C ALA B 139 -7.23 -25.73 -12.74
N VAL B 140 -7.46 -25.62 -14.05
CA VAL B 140 -7.60 -24.30 -14.66
C VAL B 140 -8.81 -23.56 -14.09
N ARG B 141 -9.94 -24.26 -13.96
CA ARG B 141 -11.13 -23.61 -13.42
C ARG B 141 -10.90 -23.16 -11.98
N LEU B 142 -10.25 -24.00 -11.19
CA LEU B 142 -9.95 -23.63 -9.81
C LEU B 142 -9.03 -22.42 -9.77
N SER B 143 -7.99 -22.40 -10.60
CA SER B 143 -7.07 -21.27 -10.62
C SER B 143 -7.80 -19.98 -10.96
N ASP B 144 -8.66 -20.03 -11.99
CA ASP B 144 -9.38 -18.83 -12.41
C ASP B 144 -10.36 -18.39 -11.33
N PHE B 145 -10.97 -19.34 -10.65
CA PHE B 145 -11.87 -18.98 -9.56
C PHE B 145 -11.12 -18.28 -8.43
N LEU B 146 -9.96 -18.80 -8.06
CA LEU B 146 -9.20 -18.24 -6.95
C LEU B 146 -8.58 -16.89 -7.33
N ILE B 147 -8.27 -16.70 -8.61
CA ILE B 147 -7.90 -15.37 -9.09
C ILE B 147 -9.09 -14.42 -8.95
N TRP B 148 -10.29 -14.87 -9.30
CA TRP B 148 -11.48 -14.05 -9.10
C TRP B 148 -11.64 -13.65 -7.63
N GLU B 149 -11.36 -14.57 -6.69
CA GLU B 149 -11.41 -14.20 -5.28
C GLU B 149 -10.41 -13.10 -4.96
N LEU B 150 -9.25 -13.12 -5.61
CA LEU B 150 -8.29 -12.06 -5.36
C LEU B 150 -8.80 -10.72 -5.85
N TYR B 151 -9.56 -10.76 -6.95
CA TYR B 151 -9.94 -9.57 -7.70
CA TYR B 151 -9.95 -9.58 -7.70
C TYR B 151 -11.34 -9.06 -7.35
N ARG B 152 -12.10 -9.77 -6.52
CA ARG B 152 -13.48 -9.38 -6.20
CA ARG B 152 -13.48 -9.36 -6.25
C ARG B 152 -13.55 -8.00 -5.57
N ASP B 153 -14.53 -7.19 -5.98
CA ASP B 153 -14.70 -5.84 -5.43
C ASP B 153 -15.61 -5.84 -4.20
N TYR B 154 -15.80 -4.62 -3.66
CA TYR B 154 -16.55 -4.36 -2.45
C TYR B 154 -17.93 -5.01 -2.46
N ASP B 155 -18.52 -5.18 -3.65
CA ASP B 155 -19.94 -5.49 -3.78
C ASP B 155 -20.25 -6.89 -4.29
N GLU B 156 -19.25 -7.70 -4.62
CA GLU B 156 -19.49 -9.05 -5.13
CA GLU B 156 -19.49 -9.05 -5.12
C GLU B 156 -19.23 -10.04 -4.01
N PRO B 157 -20.20 -10.85 -3.59
CA PRO B 157 -19.97 -11.73 -2.42
C PRO B 157 -18.92 -12.81 -2.66
N GLY B 158 -18.12 -13.06 -1.63
CA GLY B 158 -17.12 -14.10 -1.68
C GLY B 158 -17.70 -15.47 -1.44
N LYS B 159 -17.00 -16.49 -1.97
CA LYS B 159 -17.35 -17.88 -1.74
C LYS B 159 -16.42 -18.58 -0.76
N MET B 160 -15.12 -18.29 -0.82
CA MET B 160 -14.18 -18.92 0.11
C MET B 160 -14.56 -18.67 1.56
N ILE B 161 -15.00 -17.46 1.87
CA ILE B 161 -15.30 -17.16 3.26
C ILE B 161 -16.54 -17.94 3.71
N GLU B 162 -17.45 -18.27 2.79
CA GLU B 162 -18.62 -19.04 3.15
C GLU B 162 -18.28 -20.50 3.39
N VAL B 163 -17.35 -21.04 2.59
CA VAL B 163 -16.99 -22.45 2.69
C VAL B 163 -16.16 -22.70 3.95
N TYR B 164 -15.22 -21.80 4.27
CA TYR B 164 -14.14 -22.11 5.21
C TYR B 164 -14.25 -21.41 6.56
N ALA B 165 -15.20 -20.49 6.73
CA ALA B 165 -15.40 -19.84 8.03
C ALA B 165 -16.51 -20.53 8.82
N PRO B 166 -16.41 -20.51 10.13
CA PRO B 166 -17.46 -21.12 10.96
C PRO B 166 -18.70 -20.26 10.99
N LEU B 167 -19.81 -20.93 11.27
CA LEU B 167 -21.13 -20.32 11.16
C LEU B 167 -21.26 -19.10 12.06
N LYS B 168 -20.91 -19.23 13.34
CA LYS B 168 -21.19 -18.15 14.28
C LYS B 168 -20.33 -16.93 13.98
N ARG B 169 -19.14 -17.11 13.39
CA ARG B 169 -18.34 -15.96 12.98
C ARG B 169 -19.02 -15.17 11.87
N LYS B 170 -19.65 -15.87 10.93
CA LYS B 170 -20.29 -15.19 9.82
C LYS B 170 -21.33 -14.19 10.30
N GLU B 171 -22.14 -14.56 11.29
CA GLU B 171 -23.14 -13.63 11.81
C GLU B 171 -22.49 -12.43 12.48
N VAL B 172 -21.34 -12.62 13.15
CA VAL B 172 -20.64 -11.50 13.76
C VAL B 172 -20.13 -10.56 12.67
N TRP B 173 -19.50 -11.12 11.65
CA TRP B 173 -18.94 -10.28 10.60
C TRP B 173 -20.01 -9.53 9.85
N ARG B 174 -21.18 -10.15 9.65
CA ARG B 174 -22.29 -9.45 9.01
C ARG B 174 -22.78 -8.30 9.87
N LYS B 175 -22.91 -8.53 11.19
CA LYS B 175 -23.37 -7.47 12.08
C LYS B 175 -22.42 -6.29 12.08
N LEU B 176 -21.12 -6.56 12.06
CA LEU B 176 -20.13 -5.50 12.11
C LEU B 176 -19.86 -4.87 10.75
N GLY B 177 -20.36 -5.48 9.67
CA GLY B 177 -20.11 -4.95 8.34
C GLY B 177 -18.69 -5.12 7.84
N ILE B 178 -18.01 -6.21 8.23
CA ILE B 178 -16.59 -6.38 7.89
C ILE B 178 -16.34 -7.54 6.94
N TYR B 179 -17.36 -8.02 6.22
CA TYR B 179 -17.08 -8.94 5.13
C TYR B 179 -16.23 -8.21 4.09
N PRO B 180 -15.05 -8.70 3.76
CA PRO B 180 -14.16 -7.92 2.91
C PRO B 180 -14.36 -8.14 1.42
N ALA B 181 -13.85 -7.17 0.66
CA ALA B 181 -13.63 -7.39 -0.75
C ALA B 181 -12.50 -8.40 -0.92
N GLY B 182 -12.19 -8.70 -2.18
CA GLY B 182 -10.98 -9.42 -2.47
C GLY B 182 -9.80 -8.64 -1.95
N PRO B 183 -8.68 -9.33 -1.65
CA PRO B 183 -7.54 -8.60 -1.05
C PRO B 183 -6.94 -7.51 -1.92
N LEU B 184 -7.00 -7.63 -3.25
CA LEU B 184 -6.44 -6.59 -4.11
CA LEU B 184 -6.44 -6.58 -4.11
C LEU B 184 -7.20 -5.27 -3.94
N HIS B 185 -8.53 -5.34 -3.98
CA HIS B 185 -9.33 -4.13 -3.76
C HIS B 185 -9.25 -3.69 -2.31
N GLU B 186 -9.26 -4.62 -1.36
CA GLU B 186 -9.21 -4.26 0.04
C GLU B 186 -7.91 -3.54 0.40
N LEU B 187 -6.78 -4.02 -0.14
CA LEU B 187 -5.51 -3.35 0.18
C LEU B 187 -5.42 -1.99 -0.51
N LYS B 188 -5.96 -1.88 -1.71
CA LYS B 188 -6.02 -0.59 -2.38
C LYS B 188 -6.89 0.38 -1.61
N ASP B 189 -8.05 -0.07 -1.13
CA ASP B 189 -8.94 0.79 -0.35
C ASP B 189 -8.27 1.20 0.95
N ALA B 190 -7.57 0.27 1.60
CA ALA B 190 -6.88 0.61 2.85
C ALA B 190 -5.78 1.64 2.59
N ALA B 191 -4.99 1.43 1.55
CA ALA B 191 -3.93 2.38 1.23
C ALA B 191 -4.51 3.75 0.90
N ALA B 192 -5.60 3.80 0.15
CA ALA B 192 -6.23 5.08 -0.18
C ALA B 192 -6.76 5.77 1.08
N SER B 193 -7.26 5.00 2.04
CA SER B 193 -7.78 5.54 3.28
C SER B 193 -6.68 6.19 4.10
N CYS B 194 -5.44 5.76 3.90
CA CYS B 194 -4.33 6.25 4.70
C CYS B 194 -3.71 7.54 4.15
N LEU B 195 -4.03 7.93 2.92
CA LEU B 195 -3.56 9.20 2.43
C LEU B 195 -4.06 10.32 3.33
N THR B 196 -3.24 11.36 3.46
CA THR B 196 -3.57 12.51 4.29
C THR B 196 -4.97 13.03 3.94
N ASN B 197 -5.74 13.34 4.98
CA ASN B 197 -7.04 13.98 4.85
C ASN B 197 -8.06 13.08 4.19
N VAL B 198 -7.97 11.77 4.42
CA VAL B 198 -8.96 10.81 3.96
C VAL B 198 -9.62 10.18 5.19
N ASP B 199 -9.06 9.08 5.70
CA ASP B 199 -9.60 8.46 6.91
C ASP B 199 -8.72 8.79 8.11
N GLY B 200 -9.25 9.61 9.01
CA GLY B 200 -8.57 9.98 10.24
C GLY B 200 -9.26 9.52 11.51
N ASP B 201 -10.07 8.47 11.41
CA ASP B 201 -10.89 7.97 12.52
CA ASP B 201 -10.89 7.97 12.52
C ASP B 201 -10.32 6.64 12.97
N TYR B 202 -9.73 6.61 14.18
CA TYR B 202 -9.07 5.38 14.61
C TYR B 202 -10.00 4.18 14.65
N VAL B 203 -11.29 4.37 14.93
CA VAL B 203 -12.20 3.22 14.96
C VAL B 203 -12.39 2.70 13.55
N SER B 204 -12.60 3.60 12.60
CA SER B 204 -12.73 3.21 11.20
C SER B 204 -11.48 2.51 10.70
N LEU B 205 -10.31 3.08 11.02
CA LEU B 205 -9.06 2.52 10.55
C LEU B 205 -8.82 1.13 11.14
N ALA B 206 -9.19 0.94 12.41
CA ALA B 206 -9.08 -0.37 13.01
C ALA B 206 -10.01 -1.37 12.34
N THR B 207 -11.24 -0.93 12.05
CA THR B 207 -12.19 -1.78 11.35
C THR B 207 -11.65 -2.17 9.99
N LYS B 208 -11.03 -1.23 9.28
CA LYS B 208 -10.41 -1.54 8.00
C LYS B 208 -9.25 -2.52 8.15
N GLY B 209 -8.53 -2.47 9.27
CA GLY B 209 -7.50 -3.45 9.53
C GLY B 209 -8.06 -4.84 9.75
N LEU B 210 -9.19 -4.94 10.45
CA LEU B 210 -9.81 -6.25 10.63
C LEU B 210 -10.30 -6.81 9.30
N ARG B 211 -10.90 -5.96 8.48
CA ARG B 211 -11.33 -6.39 7.14
C ARG B 211 -10.15 -6.87 6.33
N LEU B 212 -9.05 -6.12 6.38
CA LEU B 212 -7.85 -6.51 5.66
C LEU B 212 -7.36 -7.88 6.09
N GLY B 213 -7.40 -8.15 7.39
CA GLY B 213 -7.02 -9.47 7.90
C GLY B 213 -7.91 -10.58 7.38
N LEU B 214 -9.23 -10.35 7.40
CA LEU B 214 -10.14 -11.34 6.83
C LEU B 214 -9.87 -11.55 5.34
N SER B 215 -9.66 -10.46 4.59
CA SER B 215 -9.42 -10.58 3.14
CA SER B 215 -9.41 -10.58 3.15
C SER B 215 -8.16 -11.40 2.87
N CYS B 216 -7.16 -11.29 3.77
CA CYS B 216 -5.92 -12.00 3.54
CA CYS B 216 -5.92 -12.01 3.54
C CYS B 216 -6.09 -13.49 3.75
N ILE B 217 -6.82 -13.89 4.79
CA ILE B 217 -6.95 -15.31 5.08
C ILE B 217 -7.87 -16.00 4.07
N TYR B 218 -9.09 -15.46 3.89
CA TYR B 218 -10.06 -16.12 3.03
C TYR B 218 -9.79 -15.83 1.56
N GLY B 219 -9.23 -14.66 1.25
CA GLY B 219 -9.03 -14.29 -0.14
C GLY B 219 -7.68 -14.63 -0.72
N ALA B 220 -6.71 -15.00 0.12
CA ALA B 220 -5.37 -15.33 -0.34
C ALA B 220 -4.78 -16.58 0.31
N GLN B 221 -4.72 -16.63 1.64
CA GLN B 221 -3.93 -17.66 2.29
C GLN B 221 -4.52 -19.06 2.10
N ILE B 222 -5.82 -19.22 2.31
CA ILE B 222 -6.38 -20.57 2.25
C ILE B 222 -6.26 -21.12 0.83
N GLY B 223 -6.60 -20.31 -0.17
CA GLY B 223 -6.46 -20.76 -1.55
C GLY B 223 -5.04 -21.09 -1.92
N LEU B 224 -4.09 -20.23 -1.54
CA LEU B 224 -2.72 -20.47 -1.96
C LEU B 224 -2.16 -21.74 -1.30
N GLU B 225 -2.47 -21.96 -0.02
CA GLU B 225 -1.91 -23.14 0.64
C GLU B 225 -2.52 -24.42 0.09
N LEU B 226 -3.84 -24.43 -0.17
CA LEU B 226 -4.44 -25.61 -0.75
C LEU B 226 -3.93 -25.84 -2.18
N VAL B 227 -3.67 -24.78 -2.95
CA VAL B 227 -3.14 -24.96 -4.30
C VAL B 227 -1.74 -25.52 -4.24
N GLN B 228 -0.94 -25.06 -3.28
CA GLN B 228 0.38 -25.64 -3.09
C GLN B 228 0.29 -27.10 -2.67
N ASP B 229 -0.72 -27.46 -1.90
CA ASP B 229 -0.93 -28.87 -1.60
C ASP B 229 -1.30 -29.66 -2.86
N ILE B 230 -2.16 -29.08 -3.71
CA ILE B 230 -2.50 -29.75 -4.96
C ILE B 230 -1.23 -29.99 -5.78
N LEU B 231 -0.33 -29.01 -5.83
CA LEU B 231 0.88 -29.15 -6.62
C LEU B 231 1.87 -30.12 -5.99
N PHE B 232 2.07 -30.03 -4.68
CA PHE B 232 3.22 -30.68 -4.07
C PHE B 232 2.86 -31.70 -3.02
N GLY B 233 1.60 -31.95 -2.79
CA GLY B 233 1.18 -32.92 -1.80
C GLY B 233 0.71 -32.26 -0.50
N THR B 234 -0.20 -32.93 0.19
CA THR B 234 -0.64 -32.47 1.50
C THR B 234 0.28 -33.06 2.56
N GLY B 235 0.84 -32.19 3.40
CA GLY B 235 1.84 -32.64 4.36
C GLY B 235 1.30 -33.68 5.32
N MET B 236 2.15 -34.65 5.66
CA MET B 236 1.90 -35.61 6.73
C MET B 236 3.14 -35.64 7.60
N PRO B 237 3.01 -36.07 8.84
CA PRO B 237 4.14 -35.98 9.77
C PRO B 237 5.32 -36.87 9.34
N HIS B 238 6.52 -36.28 9.36
CA HIS B 238 7.72 -37.03 9.08
C HIS B 238 8.91 -36.35 9.74
N GLU B 239 9.99 -37.10 9.87
CA GLU B 239 11.17 -36.59 10.54
C GLU B 239 12.02 -35.74 9.60
N MET B 240 12.51 -34.63 10.12
CA MET B 240 13.33 -33.70 9.38
C MET B 240 14.52 -33.27 10.22
N ASP B 241 15.65 -33.01 9.56
CA ASP B 241 16.82 -32.42 10.19
C ASP B 241 16.75 -30.90 10.08
N VAL B 242 17.13 -30.22 11.15
CA VAL B 242 17.15 -28.76 11.19
C VAL B 242 18.40 -28.28 11.95
N ASP B 243 18.69 -26.99 11.80
CA ASP B 243 19.83 -26.29 12.36
C ASP B 243 21.04 -26.35 11.42
N LEU B 244 22.03 -25.50 11.67
CA LEU B 244 23.08 -25.23 10.71
C LEU B 244 24.12 -26.36 10.59
N GLY B 245 24.09 -27.35 11.47
CA GLY B 245 24.95 -28.51 11.33
C GLY B 245 24.58 -29.44 10.19
N ILE B 246 23.43 -29.21 9.53
CA ILE B 246 23.09 -30.03 8.36
C ILE B 246 24.05 -29.81 7.20
N PHE B 247 24.84 -28.72 7.20
CA PHE B 247 25.73 -28.45 6.07
C PHE B 247 26.96 -29.35 6.13
N ASP B 248 27.42 -29.77 4.96
CA ASP B 248 28.69 -30.46 4.81
C ASP B 248 29.45 -29.72 3.72
N ALA B 249 30.66 -29.24 4.06
CA ALA B 249 31.36 -28.32 3.18
C ALA B 249 31.89 -28.98 1.91
N ASP B 250 31.89 -30.30 1.83
CA ASP B 250 32.47 -31.00 0.68
C ASP B 250 31.49 -31.20 -0.45
N TYR B 251 30.25 -30.76 -0.30
CA TYR B 251 29.22 -30.85 -1.31
C TYR B 251 28.99 -29.46 -1.88
N ILE B 252 28.47 -29.42 -3.10
CA ILE B 252 27.93 -28.17 -3.62
C ILE B 252 26.58 -27.95 -2.93
N ASN B 253 26.45 -26.80 -2.28
CA ASN B 253 25.33 -26.55 -1.36
C ASN B 253 24.53 -25.37 -1.89
N ILE B 254 23.28 -25.65 -2.27
CA ILE B 254 22.36 -24.63 -2.74
C ILE B 254 21.27 -24.47 -1.70
N VAL B 255 21.07 -23.23 -1.24
CA VAL B 255 20.07 -22.89 -0.22
C VAL B 255 19.00 -22.03 -0.89
N PHE B 256 17.72 -22.43 -0.76
CA PHE B 256 16.61 -21.58 -1.22
C PHE B 256 15.93 -20.93 -0.03
N ASN B 257 15.58 -19.65 -0.18
CA ASN B 257 15.30 -18.77 0.96
C ASN B 257 14.22 -17.78 0.58
N GLY B 258 13.08 -17.81 1.26
CA GLY B 258 12.01 -16.86 0.99
C GLY B 258 10.69 -17.33 1.56
N HIS B 259 9.59 -17.15 0.83
CA HIS B 259 8.29 -17.70 1.21
C HIS B 259 7.65 -18.56 0.13
N GLU B 260 7.95 -18.34 -1.16
CA GLU B 260 7.33 -19.09 -2.25
C GLU B 260 8.19 -20.29 -2.59
N PRO B 261 7.66 -21.52 -2.56
CA PRO B 261 8.50 -22.72 -2.67
C PRO B 261 8.81 -23.19 -4.09
N PHE B 262 8.34 -22.47 -5.12
CA PHE B 262 8.37 -23.01 -6.49
C PHE B 262 9.79 -23.25 -6.96
N VAL B 263 10.67 -22.27 -6.81
CA VAL B 263 12.06 -22.46 -7.20
C VAL B 263 12.70 -23.59 -6.39
N GLY B 264 12.41 -23.65 -5.09
CA GLY B 264 12.99 -24.71 -4.27
C GLY B 264 12.62 -26.10 -4.77
N VAL B 265 11.34 -26.32 -5.07
CA VAL B 265 10.93 -27.62 -5.58
C VAL B 265 11.63 -27.91 -6.91
N ALA B 266 11.67 -26.93 -7.81
CA ALA B 266 12.33 -27.12 -9.09
C ALA B 266 13.80 -27.45 -8.91
N LEU B 267 14.44 -26.86 -7.89
CA LEU B 267 15.85 -27.16 -7.64
C LEU B 267 16.02 -28.61 -7.17
N ILE B 268 15.13 -29.08 -6.31
CA ILE B 268 15.25 -30.45 -5.82
C ILE B 268 15.08 -31.43 -6.99
N LEU B 269 14.10 -31.16 -7.85
CA LEU B 269 13.88 -32.02 -9.01
C LEU B 269 15.11 -32.02 -9.90
N ALA B 270 15.67 -30.84 -10.17
CA ALA B 270 16.83 -30.76 -11.03
C ALA B 270 18.05 -31.43 -10.40
N ALA B 271 18.21 -31.27 -9.09
CA ALA B 271 19.38 -31.84 -8.43
C ALA B 271 19.35 -33.35 -8.40
N LYS B 272 18.16 -33.94 -8.52
CA LYS B 272 18.03 -35.38 -8.58
C LYS B 272 18.38 -35.95 -9.94
N GLU B 273 18.71 -35.10 -10.91
CA GLU B 273 19.13 -35.59 -12.22
C GLU B 273 20.59 -36.01 -12.14
N ALA B 274 20.90 -37.18 -12.69
CA ALA B 274 22.26 -37.70 -12.64
C ALA B 274 23.24 -36.75 -13.30
N VAL B 275 22.83 -36.07 -14.37
CA VAL B 275 23.76 -35.16 -15.05
C VAL B 275 24.25 -34.09 -14.09
N ASN B 276 23.40 -33.63 -13.18
CA ASN B 276 23.77 -32.55 -12.29
C ASN B 276 24.63 -33.04 -11.12
N GLN B 277 24.35 -34.24 -10.60
CA GLN B 277 25.26 -34.82 -9.61
C GLN B 277 26.64 -35.08 -10.23
N ASP B 278 26.69 -35.52 -11.50
CA ASP B 278 27.98 -35.72 -12.17
C ASP B 278 28.72 -34.42 -12.36
N LYS B 279 28.01 -33.34 -12.73
CA LYS B 279 28.65 -32.03 -12.80
C LYS B 279 29.31 -31.69 -11.48
N ALA B 280 28.56 -31.84 -10.38
CA ALA B 280 29.11 -31.54 -9.05
C ALA B 280 30.36 -32.35 -8.78
N LYS B 281 30.31 -33.64 -9.07
CA LYS B 281 31.46 -34.51 -8.79
C LYS B 281 32.63 -34.17 -9.69
N ALA B 282 32.37 -33.81 -10.96
CA ALA B 282 33.45 -33.42 -11.85
C ALA B 282 34.14 -32.16 -11.38
N ALA B 283 33.45 -31.34 -10.58
CA ALA B 283 34.01 -30.11 -10.06
C ALA B 283 34.75 -30.31 -8.74
N GLY B 284 34.85 -31.54 -8.27
CA GLY B 284 35.57 -31.83 -7.06
C GLY B 284 34.73 -31.96 -5.82
N ALA B 285 33.41 -31.83 -5.94
CA ALA B 285 32.51 -31.99 -4.80
C ALA B 285 32.10 -33.45 -4.65
N LYS B 286 31.64 -33.80 -3.45
CA LYS B 286 31.16 -35.16 -3.23
C LYS B 286 29.85 -35.41 -3.96
N SER B 287 29.00 -34.40 -4.06
CA SER B 287 27.70 -34.47 -4.74
C SER B 287 27.02 -33.11 -4.58
N LEU B 288 25.77 -33.00 -5.02
CA LEU B 288 25.05 -31.74 -4.99
C LEU B 288 23.88 -31.87 -4.02
N ARG B 289 23.71 -30.87 -3.16
CA ARG B 289 22.70 -30.91 -2.12
C ARG B 289 21.92 -29.59 -2.08
N ILE B 290 20.65 -29.73 -1.71
CA ILE B 290 19.73 -28.60 -1.61
C ILE B 290 19.27 -28.49 -0.17
N TYR B 291 19.19 -27.25 0.32
CA TYR B 291 18.74 -26.94 1.67
C TYR B 291 17.69 -25.84 1.60
N GLY B 292 16.70 -25.92 2.50
CA GLY B 292 15.67 -24.90 2.61
C GLY B 292 15.97 -23.97 3.76
N SER B 293 15.63 -22.69 3.57
CA SER B 293 15.80 -21.67 4.57
C SER B 293 14.47 -20.92 4.76
N ILE B 294 14.24 -20.43 6.01
CA ILE B 294 13.03 -19.69 6.37
C ILE B 294 11.77 -20.35 5.79
N GLU B 295 10.80 -19.50 5.32
CA GLU B 295 9.46 -20.01 5.08
C GLU B 295 9.36 -20.91 3.83
N SER B 296 10.06 -20.53 2.74
CA SER B 296 10.13 -21.44 1.59
C SER B 296 10.69 -22.79 2.01
N GLY B 297 11.73 -22.77 2.85
CA GLY B 297 12.23 -24.02 3.38
C GLY B 297 11.19 -24.79 4.16
N GLN B 298 10.45 -24.10 5.03
CA GLN B 298 9.44 -24.79 5.82
C GLN B 298 8.33 -25.37 4.94
N GLU B 299 7.90 -24.62 3.91
CA GLU B 299 6.91 -25.15 2.98
C GLU B 299 7.36 -26.49 2.42
N VAL B 300 8.66 -26.62 2.10
CA VAL B 300 9.15 -27.85 1.50
C VAL B 300 9.26 -28.96 2.53
N VAL B 301 9.78 -28.67 3.74
CA VAL B 301 9.89 -29.76 4.70
C VAL B 301 8.51 -30.22 5.17
N GLN B 302 7.48 -29.38 5.05
CA GLN B 302 6.14 -29.82 5.39
C GLN B 302 5.70 -30.96 4.48
N ARG B 303 6.20 -30.97 3.26
CA ARG B 303 5.68 -31.87 2.23
C ARG B 303 6.69 -32.83 1.64
N PHE B 304 7.99 -32.64 1.90
CA PHE B 304 9.02 -33.44 1.26
C PHE B 304 9.87 -34.13 2.31
N GLN B 305 10.40 -35.29 1.93
CA GLN B 305 11.27 -36.07 2.81
C GLN B 305 12.70 -35.57 2.70
N LYS B 306 13.44 -35.73 3.80
CA LYS B 306 14.90 -35.70 3.72
C LYS B 306 15.38 -36.91 2.92
N ASP B 307 16.34 -36.69 2.04
CA ASP B 307 16.96 -37.75 1.26
C ASP B 307 18.40 -37.34 0.97
N GLU B 308 19.04 -38.04 0.05
CA GLU B 308 20.43 -37.72 -0.22
C GLU B 308 20.60 -36.35 -0.86
N VAL B 309 19.54 -35.78 -1.42
CA VAL B 309 19.63 -34.49 -2.11
C VAL B 309 19.15 -33.36 -1.22
N PHE B 310 17.91 -33.43 -0.75
CA PHE B 310 17.34 -32.37 0.09
C PHE B 310 17.65 -32.66 1.55
N ARG B 311 18.32 -31.72 2.23
CA ARG B 311 18.92 -32.03 3.51
C ARG B 311 18.20 -31.46 4.71
N GLY B 312 17.28 -30.51 4.53
CA GLY B 312 16.51 -30.01 5.65
C GLY B 312 16.45 -28.50 5.69
N LEU B 313 16.15 -27.99 6.88
CA LEU B 313 15.80 -26.59 7.11
C LEU B 313 16.89 -25.93 7.94
N THR B 314 17.39 -24.79 7.48
CA THR B 314 18.52 -24.15 8.15
C THR B 314 18.09 -23.40 9.42
N GLY B 315 17.02 -22.63 9.35
CA GLY B 315 16.60 -21.79 10.46
C GLY B 315 15.83 -20.59 9.94
N ASN B 316 15.52 -19.66 10.86
CA ASN B 316 14.71 -18.49 10.53
C ASN B 316 15.60 -17.31 10.09
N TRP B 317 14.99 -16.13 9.92
CA TRP B 317 15.68 -15.07 9.17
C TRP B 317 16.93 -14.54 9.86
N LEU B 318 16.97 -14.54 11.20
CA LEU B 318 18.16 -14.08 11.90
C LEU B 318 19.30 -15.09 11.81
N THR B 319 19.05 -16.25 11.20
CA THR B 319 20.09 -17.23 10.93
C THR B 319 20.76 -17.05 9.58
N ILE B 320 20.28 -16.14 8.72
CA ILE B 320 20.81 -16.04 7.36
C ILE B 320 22.24 -15.49 7.36
N GLU B 321 22.49 -14.40 8.10
CA GLU B 321 23.86 -13.90 8.17
C GLU B 321 24.77 -14.93 8.79
N PRO B 322 24.47 -15.49 9.95
CA PRO B 322 25.29 -16.62 10.45
C PRO B 322 25.48 -17.74 9.44
N MET B 323 24.44 -18.06 8.68
CA MET B 323 24.54 -19.17 7.74
C MET B 323 25.62 -18.90 6.69
N LEU B 324 25.71 -17.68 6.18
CA LEU B 324 26.78 -17.35 5.25
C LEU B 324 28.15 -17.49 5.89
N ALA B 325 28.27 -17.19 7.19
CA ALA B 325 29.52 -17.31 7.91
C ALA B 325 29.96 -18.76 8.11
N THR B 326 29.13 -19.75 7.78
CA THR B 326 29.65 -21.12 7.75
C THR B 326 30.73 -21.29 6.71
N GLY B 327 30.77 -20.43 5.69
CA GLY B 327 31.69 -20.69 4.59
C GLY B 327 31.37 -21.96 3.84
N ALA B 328 30.10 -22.37 3.86
CA ALA B 328 29.66 -23.61 3.22
C ALA B 328 28.64 -23.41 2.11
N VAL B 329 28.10 -22.20 1.93
CA VAL B 329 27.05 -21.98 0.93
C VAL B 329 27.67 -21.62 -0.42
N ASP B 330 27.16 -22.25 -1.47
CA ASP B 330 27.58 -21.93 -2.84
C ASP B 330 26.62 -20.96 -3.52
N VAL B 331 25.31 -21.21 -3.44
CA VAL B 331 24.31 -20.26 -3.90
C VAL B 331 23.25 -20.11 -2.81
N LEU B 332 22.88 -18.86 -2.52
CA LEU B 332 21.68 -18.54 -1.76
C LEU B 332 20.72 -17.95 -2.77
N ALA B 333 19.63 -18.65 -3.03
CA ALA B 333 18.62 -18.25 -4.02
C ALA B 333 17.40 -17.70 -3.29
N MET B 334 17.13 -16.40 -3.47
CA MET B 334 16.25 -15.63 -2.60
C MET B 334 14.95 -15.26 -3.32
N ASP B 335 13.81 -15.67 -2.76
CA ASP B 335 12.57 -15.41 -3.51
C ASP B 335 11.64 -14.39 -2.89
N MET B 336 11.82 -14.05 -1.65
CA MET B 336 10.97 -13.04 -1.01
C MET B 336 11.64 -12.67 0.29
N ASN B 337 10.92 -11.94 1.15
CA ASN B 337 11.43 -11.74 2.50
C ASN B 337 11.53 -13.08 3.19
N CYS B 338 12.39 -13.17 4.21
CA CYS B 338 13.43 -12.22 4.52
C CYS B 338 14.73 -12.50 3.75
N SER B 339 15.17 -11.52 2.97
CA SER B 339 16.48 -11.50 2.33
C SER B 339 17.16 -10.20 2.75
N PRO B 340 17.91 -10.19 3.86
CA PRO B 340 18.37 -8.91 4.45
C PRO B 340 19.35 -8.18 3.54
N PRO B 341 19.26 -6.85 3.47
CA PRO B 341 19.88 -6.14 2.36
C PRO B 341 21.37 -5.90 2.48
N ASN B 342 22.04 -6.25 3.59
CA ASN B 342 23.50 -6.17 3.66
C ASN B 342 24.19 -7.53 3.51
N LEU B 343 23.56 -8.51 2.84
CA LEU B 343 24.23 -9.80 2.69
C LEU B 343 25.39 -9.74 1.69
N GLY B 344 25.43 -8.73 0.83
CA GLY B 344 26.42 -8.69 -0.23
C GLY B 344 27.83 -8.85 0.26
N PRO B 345 28.25 -8.03 1.24
CA PRO B 345 29.62 -8.16 1.76
C PRO B 345 29.88 -9.50 2.42
N LEU B 346 28.88 -10.09 3.06
CA LEU B 346 29.09 -11.39 3.70
C LEU B 346 29.26 -12.49 2.66
N ALA B 347 28.44 -12.46 1.61
CA ALA B 347 28.61 -13.44 0.53
C ALA B 347 29.99 -13.33 -0.08
N GLU B 348 30.47 -12.11 -0.28
CA GLU B 348 31.82 -11.93 -0.82
C GLU B 348 32.88 -12.53 0.11
N LYS B 349 32.80 -12.21 1.41
CA LYS B 349 33.81 -12.66 2.35
C LYS B 349 33.87 -14.20 2.43
N TYR B 350 32.70 -14.86 2.42
CA TYR B 350 32.62 -16.29 2.64
C TYR B 350 32.48 -17.10 1.36
N GLY B 351 32.61 -16.46 0.20
CA GLY B 351 32.66 -17.21 -1.04
C GLY B 351 31.33 -17.79 -1.49
N ALA B 352 30.24 -17.12 -1.19
CA ALA B 352 28.92 -17.54 -1.61
C ALA B 352 28.41 -16.64 -2.73
N THR B 353 27.57 -17.19 -3.59
CA THR B 353 26.97 -16.45 -4.70
C THR B 353 25.49 -16.22 -4.39
N LEU B 354 25.08 -14.95 -4.47
CA LEU B 354 23.69 -14.57 -4.26
C LEU B 354 22.94 -14.54 -5.58
N VAL B 355 21.74 -15.10 -5.58
CA VAL B 355 20.85 -15.11 -6.75
C VAL B 355 19.48 -14.69 -6.29
N SER B 356 18.96 -13.59 -6.84
CA SER B 356 17.55 -13.27 -6.65
C SER B 356 16.69 -14.05 -7.64
N VAL B 357 15.59 -14.64 -7.15
CA VAL B 357 14.63 -15.31 -8.02
C VAL B 357 13.25 -14.68 -7.92
N SER B 358 13.21 -13.40 -7.59
CA SER B 358 11.97 -12.65 -7.62
C SER B 358 12.24 -11.21 -7.96
N ARG B 359 11.34 -10.61 -8.75
CA ARG B 359 11.48 -9.19 -9.02
C ARG B 359 11.27 -8.35 -7.77
N LEU B 360 10.73 -8.93 -6.69
CA LEU B 360 10.62 -8.19 -5.44
C LEU B 360 11.97 -8.00 -4.75
N VAL B 361 12.88 -8.95 -4.87
CA VAL B 361 14.09 -9.00 -4.04
C VAL B 361 15.25 -8.39 -4.79
N ARG B 362 15.74 -7.27 -4.27
CA ARG B 362 16.91 -6.59 -4.77
C ARG B 362 17.64 -5.96 -3.58
N PHE B 363 18.97 -5.93 -3.64
CA PHE B 363 19.77 -5.24 -2.63
C PHE B 363 21.20 -5.17 -3.17
N PRO B 364 22.07 -4.33 -2.60
CA PRO B 364 23.42 -4.18 -3.15
C PRO B 364 24.21 -5.49 -3.20
N GLY B 365 24.88 -5.73 -4.33
CA GLY B 365 25.83 -6.82 -4.41
C GLY B 365 25.29 -8.15 -4.85
N ILE B 366 24.08 -8.20 -5.40
CA ILE B 366 23.55 -9.45 -5.95
C ILE B 366 24.15 -9.68 -7.32
N HIS B 367 24.56 -10.93 -7.57
CA HIS B 367 25.29 -11.32 -8.78
C HIS B 367 24.37 -11.64 -9.95
N HIS B 368 23.15 -12.08 -9.66
CA HIS B 368 22.32 -12.69 -10.68
C HIS B 368 20.87 -12.47 -10.35
N PHE B 369 20.07 -12.20 -11.39
CA PHE B 369 18.66 -11.90 -11.28
C PHE B 369 17.93 -12.85 -12.21
N LEU B 370 17.22 -13.81 -11.61
CA LEU B 370 16.47 -14.81 -12.36
C LEU B 370 15.01 -14.76 -11.89
N ASP B 371 14.32 -13.70 -12.30
CA ASP B 371 12.96 -13.47 -11.84
C ASP B 371 12.06 -14.64 -12.23
N TYR B 372 11.17 -15.01 -11.33
CA TYR B 372 10.37 -16.22 -11.52
C TYR B 372 9.22 -16.02 -12.50
N LYS B 373 9.03 -17.02 -13.37
CA LYS B 373 7.81 -17.21 -14.14
C LYS B 373 7.63 -18.71 -14.17
N PRO B 374 6.41 -19.22 -14.03
CA PRO B 374 6.21 -20.68 -14.05
C PRO B 374 6.78 -21.40 -15.26
N SER B 375 6.64 -20.83 -16.46
CA SER B 375 7.14 -21.49 -17.65
C SER B 375 8.67 -21.44 -17.75
N GLU B 376 9.33 -20.72 -16.87
CA GLU B 376 10.79 -20.63 -16.88
C GLU B 376 11.44 -21.25 -15.65
N VAL B 377 10.68 -21.84 -14.74
CA VAL B 377 11.29 -22.28 -13.49
C VAL B 377 12.22 -23.46 -13.71
N ARG B 378 11.94 -24.33 -14.69
CA ARG B 378 12.85 -25.43 -14.97
C ARG B 378 14.21 -24.89 -15.39
N GLU B 379 14.22 -23.92 -16.29
CA GLU B 379 15.48 -23.34 -16.73
C GLU B 379 16.14 -22.50 -15.64
N ILE B 380 15.36 -21.82 -14.80
CA ILE B 380 15.92 -21.07 -13.67
C ILE B 380 16.66 -22.01 -12.72
N ALA B 381 16.02 -23.11 -12.35
CA ALA B 381 16.66 -24.05 -11.45
C ALA B 381 17.96 -24.60 -12.05
N GLN B 382 17.96 -24.90 -13.34
CA GLN B 382 19.17 -25.43 -13.95
C GLN B 382 20.28 -24.38 -13.97
N LYS B 383 19.94 -23.12 -14.26
CA LYS B 383 20.95 -22.08 -14.27
C LYS B 383 21.54 -21.89 -12.87
N ILE B 384 20.71 -22.00 -11.83
CA ILE B 384 21.22 -21.87 -10.46
C ILE B 384 22.24 -22.96 -10.16
N ILE B 385 21.95 -24.19 -10.56
CA ILE B 385 22.92 -25.27 -10.39
C ILE B 385 24.22 -24.92 -11.13
N ASP B 386 24.09 -24.47 -12.37
CA ASP B 386 25.30 -24.14 -13.13
C ASP B 386 26.09 -23.05 -12.43
N ILE B 387 25.40 -22.04 -11.88
CA ILE B 387 26.05 -20.99 -11.13
C ILE B 387 26.74 -21.57 -9.90
N ALA B 388 26.05 -22.48 -9.20
CA ALA B 388 26.62 -23.05 -7.99
C ALA B 388 27.85 -23.88 -8.28
N VAL B 389 27.83 -24.68 -9.35
CA VAL B 389 29.00 -25.48 -9.72
C VAL B 389 30.21 -24.57 -9.95
N ASP B 390 30.01 -23.50 -10.73
CA ASP B 390 31.12 -22.59 -11.01
C ASP B 390 31.58 -21.87 -9.76
N SER B 391 30.63 -21.50 -8.88
CA SER B 391 30.97 -20.82 -7.63
C SER B 391 31.81 -21.71 -6.73
N PHE B 392 31.38 -22.95 -6.55
CA PHE B 392 32.14 -23.91 -5.76
C PHE B 392 33.57 -24.02 -6.27
N LYS B 393 33.72 -24.20 -7.58
CA LYS B 393 35.05 -24.39 -8.17
C LYS B 393 35.92 -23.16 -8.01
N ASN B 394 35.36 -21.97 -8.21
CA ASN B 394 36.17 -20.79 -8.39
C ASN B 394 36.09 -19.78 -7.25
N LYS B 395 35.08 -19.86 -6.39
CA LYS B 395 35.00 -18.94 -5.25
C LYS B 395 35.23 -19.59 -3.91
N ARG B 396 34.81 -20.83 -3.70
CA ARG B 396 34.78 -21.39 -2.36
C ARG B 396 35.80 -22.49 -2.15
N HIS B 397 35.74 -23.56 -2.95
CA HIS B 397 36.57 -24.73 -2.70
C HIS B 397 38.05 -24.36 -2.77
N GLY B 398 38.78 -24.66 -1.71
CA GLY B 398 40.19 -24.35 -1.65
C GLY B 398 40.51 -22.93 -1.25
N LYS B 399 39.50 -22.08 -1.08
CA LYS B 399 39.71 -20.69 -0.76
C LYS B 399 39.11 -20.27 0.57
N ILE B 400 37.99 -20.88 0.97
CA ILE B 400 37.24 -20.47 2.15
C ILE B 400 37.30 -21.57 3.19
N THR B 401 37.62 -21.18 4.41
CA THR B 401 37.61 -22.12 5.52
C THR B 401 36.17 -22.32 6.00
N PRO B 402 35.65 -23.55 6.03
CA PRO B 402 34.31 -23.75 6.57
C PRO B 402 34.33 -23.82 8.09
N LYS B 403 33.26 -23.31 8.69
CA LYS B 403 33.09 -23.35 10.15
C LYS B 403 31.63 -23.72 10.41
N ILE B 404 31.33 -25.01 10.37
CA ILE B 404 29.96 -25.50 10.48
C ILE B 404 29.74 -25.98 11.91
N PRO B 405 28.79 -25.40 12.65
CA PRO B 405 28.54 -25.89 14.01
C PRO B 405 27.99 -27.31 13.97
N ALA B 406 28.24 -28.05 15.04
CA ALA B 406 27.81 -29.44 15.10
C ALA B 406 26.31 -29.60 15.31
N ASN B 407 25.58 -28.55 15.66
CA ASN B 407 24.21 -28.72 16.12
C ASN B 407 23.30 -29.15 14.98
N ILE B 408 22.70 -30.33 15.12
CA ILE B 408 21.58 -30.75 14.29
C ILE B 408 20.46 -31.17 15.23
N GLN B 409 19.24 -30.78 14.92
CA GLN B 409 18.10 -31.21 15.71
C GLN B 409 17.11 -31.92 14.80
N LYS B 410 16.33 -32.81 15.40
CA LYS B 410 15.27 -33.53 14.70
C LYS B 410 13.92 -32.91 15.02
N ALA B 411 13.10 -32.73 13.99
CA ALA B 411 11.78 -32.18 14.17
C ALA B 411 10.81 -33.02 13.35
N ILE B 412 9.62 -33.22 13.90
CA ILE B 412 8.54 -33.85 13.15
C ILE B 412 7.77 -32.72 12.46
N THR B 413 7.92 -32.62 11.15
CA THR B 413 7.32 -31.57 10.33
C THR B 413 6.14 -32.16 9.56
N GLY B 414 5.30 -31.29 9.00
CA GLY B 414 4.23 -31.75 8.14
C GLY B 414 2.88 -31.95 8.80
N PHE B 415 2.63 -31.36 9.96
CA PHE B 415 1.28 -31.41 10.49
C PHE B 415 0.37 -30.49 9.65
N THR B 416 -0.81 -31.00 9.35
CA THR B 416 -1.84 -30.32 8.58
C THR B 416 -3.14 -30.71 9.25
N PRO B 417 -4.25 -30.05 8.95
CA PRO B 417 -5.54 -30.55 9.47
C PRO B 417 -5.77 -32.02 9.15
N GLU B 418 -5.38 -32.44 7.95
CA GLU B 418 -5.52 -33.84 7.56
C GLU B 418 -4.67 -34.76 8.45
N ALA B 419 -3.46 -34.33 8.78
CA ALA B 419 -2.61 -35.14 9.66
C ALA B 419 -3.21 -35.29 11.05
N ILE B 420 -3.81 -34.23 11.59
CA ILE B 420 -4.42 -34.32 12.91
C ILE B 420 -5.59 -35.28 12.88
N LEU B 421 -6.47 -35.16 11.88
CA LEU B 421 -7.62 -36.06 11.85
C LEU B 421 -7.16 -37.51 11.76
N LYS B 422 -6.15 -37.79 10.93
CA LYS B 422 -5.62 -39.14 10.83
C LYS B 422 -5.12 -39.63 12.19
N ALA B 423 -4.36 -38.78 12.90
CA ALA B 423 -3.81 -39.19 14.19
C ALA B 423 -4.91 -39.52 15.20
N LEU B 424 -6.05 -38.84 15.11
CA LEU B 424 -7.17 -39.06 16.02
C LEU B 424 -8.11 -40.18 15.58
N GLY B 425 -7.78 -40.90 14.51
CA GLY B 425 -8.66 -41.94 14.02
C GLY B 425 -9.78 -41.48 13.12
N GLY B 426 -9.65 -40.32 12.48
CA GLY B 426 -10.56 -39.92 11.44
C GLY B 426 -11.64 -38.96 11.86
N SER B 427 -11.62 -38.54 13.12
CA SER B 427 -12.61 -37.63 13.65
C SER B 427 -11.90 -36.70 14.63
N ILE B 428 -12.47 -35.51 14.82
CA ILE B 428 -11.93 -34.60 15.81
C ILE B 428 -12.36 -34.92 17.22
N ASN B 429 -13.29 -35.85 17.39
CA ASN B 429 -13.86 -36.11 18.71
C ASN B 429 -12.83 -36.45 19.78
N PRO B 430 -11.83 -37.31 19.53
CA PRO B 430 -10.87 -37.60 20.61
C PRO B 430 -10.16 -36.36 21.14
N LEU B 431 -9.89 -35.37 20.27
CA LEU B 431 -9.29 -34.13 20.73
C LEU B 431 -10.27 -33.36 21.58
N ILE B 432 -11.53 -33.31 21.15
CA ILE B 432 -12.57 -32.67 21.96
C ILE B 432 -12.64 -33.33 23.33
N GLU B 433 -12.57 -34.66 23.38
CA GLU B 433 -12.74 -35.35 24.65
C GLU B 433 -11.57 -35.08 25.59
N VAL B 434 -10.34 -35.07 25.09
CA VAL B 434 -9.22 -34.80 25.98
C VAL B 434 -9.23 -33.35 26.44
N ILE B 435 -9.77 -32.42 25.64
CA ILE B 435 -9.93 -31.05 26.12
C ILE B 435 -11.02 -30.98 27.17
N LYS B 436 -12.18 -31.57 26.90
CA LYS B 436 -13.26 -31.54 27.88
C LYS B 436 -12.82 -32.12 29.22
N ALA B 437 -12.02 -33.19 29.18
CA ALA B 437 -11.56 -33.86 30.38
C ALA B 437 -10.48 -33.06 31.12
N GLY B 438 -9.84 -32.11 30.46
CA GLY B 438 -8.81 -31.33 31.11
C GLY B 438 -7.42 -31.85 30.95
N LYS B 439 -7.22 -32.93 30.16
CA LYS B 439 -5.87 -33.37 29.86
C LYS B 439 -5.12 -32.28 29.11
N ILE B 440 -5.75 -31.73 28.08
CA ILE B 440 -5.26 -30.55 27.40
C ILE B 440 -6.17 -29.41 27.80
N LYS B 441 -5.60 -28.37 28.42
CA LYS B 441 -6.43 -27.25 28.87
C LYS B 441 -6.96 -26.48 27.69
N GLY B 442 -6.13 -26.31 26.67
CA GLY B 442 -6.50 -25.56 25.49
C GLY B 442 -5.39 -25.69 24.47
N ALA B 443 -5.52 -24.91 23.40
CA ALA B 443 -4.56 -24.93 22.30
C ALA B 443 -4.20 -23.51 21.90
N VAL B 444 -2.93 -23.31 21.54
CA VAL B 444 -2.41 -22.00 21.15
C VAL B 444 -1.85 -22.10 19.74
N GLY B 445 -2.22 -21.13 18.90
CA GLY B 445 -1.61 -20.91 17.61
C GLY B 445 -0.46 -19.94 17.78
N LEU B 446 0.75 -20.45 17.64
CA LEU B 446 1.96 -19.65 17.73
C LEU B 446 2.32 -19.33 16.30
N ILE B 447 2.08 -18.09 15.90
CA ILE B 447 2.20 -17.67 14.51
C ILE B 447 3.07 -16.45 14.59
N ASN B 448 4.34 -16.58 14.18
CA ASN B 448 5.30 -15.62 14.68
C ASN B 448 6.50 -15.50 13.76
N CYS B 449 7.17 -14.34 13.87
CA CYS B 449 8.46 -14.12 13.28
C CYS B 449 9.57 -14.35 14.31
N THR B 450 10.69 -13.68 14.11
CA THR B 450 11.70 -13.48 15.12
C THR B 450 12.16 -12.03 14.99
N THR B 451 12.73 -11.52 16.08
CA THR B 451 13.23 -10.15 16.13
C THR B 451 14.26 -10.09 17.25
N LEU B 452 14.99 -8.97 17.31
CA LEU B 452 15.88 -8.67 18.42
C LEU B 452 15.30 -7.65 19.38
N LYS B 453 14.14 -7.09 19.07
CA LYS B 453 13.62 -5.97 19.86
C LYS B 453 13.43 -6.36 21.32
N ASN B 454 12.86 -7.54 21.58
CA ASN B 454 12.50 -7.94 22.94
C ASN B 454 13.31 -9.09 23.49
N GLY B 455 14.41 -9.43 22.86
CA GLY B 455 15.33 -10.41 23.40
C GLY B 455 16.31 -10.90 22.35
N PRO B 456 17.29 -11.70 22.78
CA PRO B 456 18.12 -12.43 21.82
C PRO B 456 17.20 -13.24 20.92
N GLN B 457 17.65 -13.50 19.69
CA GLN B 457 16.87 -14.28 18.74
C GLN B 457 16.21 -15.48 19.41
N ASP B 458 14.87 -15.53 19.30
CA ASP B 458 14.02 -16.64 19.70
C ASP B 458 13.92 -16.86 21.20
N TYR B 459 14.47 -15.98 22.02
CA TYR B 459 14.44 -16.19 23.47
C TYR B 459 13.01 -16.21 24.00
N VAL B 460 12.21 -15.20 23.67
CA VAL B 460 10.84 -15.17 24.18
C VAL B 460 10.03 -16.34 23.59
N THR B 461 10.20 -16.59 22.30
CA THR B 461 9.42 -17.63 21.64
C THR B 461 9.61 -18.99 22.28
N VAL B 462 10.87 -19.42 22.40
CA VAL B 462 11.16 -20.76 22.90
C VAL B 462 10.72 -20.88 24.35
N ASN B 463 11.06 -19.90 25.17
CA ASN B 463 10.69 -19.99 26.59
C ASN B 463 9.19 -19.91 26.78
N LEU B 464 8.50 -19.08 25.99
CA LEU B 464 7.04 -19.07 26.10
C LEU B 464 6.47 -20.42 25.73
N ALA B 465 6.95 -21.02 24.63
CA ALA B 465 6.43 -22.33 24.25
C ALA B 465 6.64 -23.34 25.37
N LYS B 466 7.81 -23.33 25.99
CA LYS B 466 8.06 -24.25 27.08
C LYS B 466 7.10 -24.01 28.23
N GLU B 467 6.80 -22.75 28.54
CA GLU B 467 5.87 -22.48 29.63
C GLU B 467 4.46 -22.91 29.27
N LEU B 468 4.07 -22.78 28.00
CA LEU B 468 2.73 -23.17 27.59
C LEU B 468 2.54 -24.69 27.69
N ILE B 469 3.50 -25.46 27.17
CA ILE B 469 3.33 -26.92 27.19
C ILE B 469 3.41 -27.46 28.61
N LYS B 470 4.18 -26.81 29.49
CA LYS B 470 4.21 -27.19 30.90
C LYS B 470 2.83 -27.06 31.52
N ARG B 471 2.03 -26.11 31.03
CA ARG B 471 0.67 -25.84 31.51
C ARG B 471 -0.38 -26.66 30.76
N ASP B 472 0.05 -27.68 30.02
CA ASP B 472 -0.86 -28.60 29.33
C ASP B 472 -1.63 -27.89 28.22
N ILE B 473 -0.95 -26.96 27.56
CA ILE B 473 -1.47 -26.24 26.40
C ILE B 473 -0.74 -26.75 25.17
N LEU B 474 -1.50 -27.33 24.22
CA LEU B 474 -0.95 -27.80 22.96
C LEU B 474 -0.68 -26.61 22.04
N ILE B 475 0.45 -26.66 21.31
CA ILE B 475 0.82 -25.59 20.40
C ILE B 475 0.75 -26.09 18.97
N LEU B 476 0.13 -25.29 18.10
CA LEU B 476 0.22 -25.44 16.66
C LEU B 476 1.02 -24.24 16.18
N SER B 477 2.16 -24.48 15.55
CA SER B 477 3.06 -23.37 15.24
C SER B 477 3.28 -23.19 13.74
N GLY B 478 3.45 -21.92 13.37
CA GLY B 478 3.81 -21.53 12.01
C GLY B 478 4.72 -20.32 12.01
N GLY B 479 5.58 -20.22 10.99
CA GLY B 479 6.43 -19.05 10.79
C GLY B 479 7.85 -19.26 11.28
N CYS B 480 8.62 -18.16 11.24
CA CYS B 480 9.95 -18.17 11.85
C CYS B 480 9.93 -18.64 13.30
N GLY B 481 8.80 -18.43 14.00
CA GLY B 481 8.67 -18.96 15.35
C GLY B 481 8.58 -20.47 15.37
N ASN B 482 7.98 -21.05 14.33
CA ASN B 482 7.99 -22.51 14.17
C ASN B 482 9.41 -23.03 13.91
N HIS B 483 10.18 -22.38 13.02
CA HIS B 483 11.57 -22.80 12.82
C HIS B 483 12.34 -22.77 14.15
N ALA B 484 12.09 -21.75 14.96
CA ALA B 484 12.78 -21.60 16.25
C ALA B 484 12.48 -22.78 17.17
N LEU B 485 11.21 -23.17 17.25
CA LEU B 485 10.85 -24.28 18.13
C LEU B 485 11.37 -25.61 17.59
N GLU B 486 11.39 -25.76 16.27
CA GLU B 486 11.99 -26.93 15.65
C GLU B 486 13.48 -27.03 16.03
N VAL B 487 14.22 -25.94 15.88
CA VAL B 487 15.64 -25.93 16.18
C VAL B 487 15.89 -26.16 17.66
N ALA B 488 15.02 -25.63 18.52
CA ALA B 488 15.12 -25.79 19.97
C ALA B 488 14.71 -27.19 20.44
N GLY B 489 14.21 -28.04 19.56
CA GLY B 489 13.90 -29.40 19.91
C GLY B 489 12.54 -29.62 20.53
N LEU B 490 11.60 -28.69 20.35
CA LEU B 490 10.29 -28.81 20.93
C LEU B 490 9.31 -29.55 20.04
N CYS B 491 9.73 -29.94 18.84
CA CYS B 491 8.84 -30.55 17.86
C CYS B 491 9.20 -32.00 17.58
N ASN B 492 9.83 -32.67 18.53
CA ASN B 492 10.11 -34.09 18.41
C ASN B 492 9.56 -34.80 19.64
N LEU B 493 9.58 -36.13 19.61
CA LEU B 493 8.95 -36.87 20.70
C LEU B 493 9.67 -36.72 22.02
N ASP B 494 10.97 -36.40 21.99
CA ASP B 494 11.66 -36.14 23.26
C ASP B 494 11.06 -34.95 23.98
N ALA B 495 10.45 -34.02 23.24
CA ALA B 495 9.86 -32.82 23.85
C ALA B 495 8.63 -33.16 24.70
N ILE B 496 8.06 -34.36 24.56
CA ILE B 496 6.99 -34.81 25.45
C ILE B 496 7.42 -34.67 26.90
N ASN B 497 8.70 -34.87 27.18
CA ASN B 497 9.19 -34.79 28.56
C ASN B 497 9.21 -33.37 29.10
N LEU B 498 8.98 -32.37 28.27
CA LEU B 498 8.84 -31.01 28.73
C LEU B 498 7.39 -30.60 28.96
N ALA B 499 6.43 -31.42 28.54
CA ALA B 499 5.03 -31.08 28.70
C ALA B 499 4.51 -31.48 30.08
N GLY B 500 3.40 -30.84 30.47
CA GLY B 500 2.76 -31.14 31.73
C GLY B 500 2.13 -32.51 31.71
N PRO B 501 1.46 -32.87 32.80
CA PRO B 501 0.98 -34.26 32.93
C PRO B 501 -0.10 -34.64 31.96
N GLY B 502 -1.06 -33.73 31.69
CA GLY B 502 -2.14 -34.09 30.80
C GLY B 502 -1.70 -34.13 29.36
N LEU B 503 -0.92 -33.15 28.94
CA LEU B 503 -0.48 -33.08 27.55
C LEU B 503 0.53 -34.19 27.24
N SER B 504 1.40 -34.50 28.20
CA SER B 504 2.35 -35.60 28.04
C SER B 504 1.62 -36.91 27.77
N GLU B 505 0.56 -37.17 28.54
CA GLU B 505 -0.20 -38.39 28.36
C GLU B 505 -0.81 -38.45 26.97
N VAL B 506 -1.45 -37.36 26.53
CA VAL B 506 -2.08 -37.35 25.22
C VAL B 506 -1.04 -37.52 24.13
N CYS B 507 0.08 -36.81 24.25
CA CYS B 507 1.14 -36.90 23.24
C CYS B 507 1.67 -38.33 23.13
N ARG B 508 1.85 -39.01 24.26
CA ARG B 508 2.35 -40.38 24.20
CA ARG B 508 2.35 -40.38 24.20
C ARG B 508 1.33 -41.32 23.57
N ASN B 509 0.04 -41.14 23.90
CA ASN B 509 -0.97 -42.01 23.33
C ASN B 509 -1.12 -41.81 21.84
N LEU B 510 -1.05 -40.57 21.37
CA LEU B 510 -1.18 -40.28 19.95
C LEU B 510 0.14 -40.34 19.20
N ASN B 511 1.27 -40.43 19.90
CA ASN B 511 2.59 -40.45 19.27
C ASN B 511 2.85 -39.16 18.47
N ILE B 512 2.59 -38.03 19.11
CA ILE B 512 2.85 -36.73 18.49
C ILE B 512 3.61 -35.85 19.47
N PRO B 513 4.31 -34.84 18.99
CA PRO B 513 4.98 -33.90 19.89
C PRO B 513 3.99 -32.93 20.51
N PRO B 514 4.40 -32.22 21.56
CA PRO B 514 3.52 -31.21 22.17
C PRO B 514 3.46 -29.90 21.38
N VAL B 515 4.34 -29.72 20.40
CA VAL B 515 4.31 -28.61 19.46
C VAL B 515 4.20 -29.19 18.07
N LEU B 516 3.12 -28.85 17.36
CA LEU B 516 2.81 -29.41 16.06
C LEU B 516 3.15 -28.40 14.98
N SER B 517 4.16 -28.72 14.17
CA SER B 517 4.60 -27.82 13.09
C SER B 517 3.56 -27.78 11.95
N PHE B 518 2.85 -26.65 11.85
CA PHE B 518 1.87 -26.40 10.79
C PHE B 518 2.43 -25.55 9.67
N GLY B 519 3.69 -25.14 9.78
CA GLY B 519 4.38 -24.54 8.66
C GLY B 519 4.76 -23.08 8.78
N THR B 520 4.11 -22.24 7.99
CA THR B 520 4.50 -20.84 7.81
C THR B 520 3.42 -19.92 8.35
N CYS B 521 3.70 -18.62 8.36
CA CYS B 521 2.68 -17.63 8.70
CA CYS B 521 2.65 -17.67 8.73
C CYS B 521 1.56 -17.62 7.67
N THR B 522 1.89 -18.02 6.43
CA THR B 522 0.90 -18.18 5.38
C THR B 522 -0.07 -19.29 5.70
N ASP B 523 0.27 -20.15 6.67
CA ASP B 523 -0.59 -21.21 7.11
C ASP B 523 -1.56 -20.80 8.22
N THR B 524 -1.63 -19.50 8.58
CA THR B 524 -2.66 -19.05 9.52
C THR B 524 -4.04 -19.46 9.05
N GLY B 525 -4.33 -19.27 7.76
CA GLY B 525 -5.62 -19.71 7.26
C GLY B 525 -5.86 -21.19 7.48
N ARG B 526 -4.84 -22.00 7.21
CA ARG B 526 -4.94 -23.43 7.44
C ARG B 526 -5.14 -23.75 8.92
N ILE B 527 -4.43 -23.07 9.81
CA ILE B 527 -4.64 -23.28 11.25
C ILE B 527 -6.08 -22.95 11.62
N SER B 528 -6.64 -21.88 11.02
CA SER B 528 -8.03 -21.53 11.27
C SER B 528 -8.98 -22.66 10.87
N LEU B 529 -8.56 -23.53 9.94
CA LEU B 529 -9.43 -24.67 9.61
C LEU B 529 -9.56 -25.63 10.79
N VAL B 530 -8.49 -25.80 11.57
CA VAL B 530 -8.55 -26.65 12.76
C VAL B 530 -9.45 -26.00 13.81
N VAL B 531 -9.25 -24.69 14.06
CA VAL B 531 -10.07 -24.03 15.05
C VAL B 531 -11.54 -24.02 14.60
N THR B 532 -11.79 -23.79 13.31
CA THR B 532 -13.14 -23.83 12.78
C THR B 532 -13.77 -25.20 12.97
N ALA B 533 -12.99 -26.26 12.73
CA ALA B 533 -13.49 -27.61 12.95
C ALA B 533 -13.89 -27.82 14.41
N LEU B 534 -13.08 -27.33 15.34
CA LEU B 534 -13.43 -27.43 16.75
C LEU B 534 -14.72 -26.66 17.05
N ALA B 535 -14.82 -25.43 16.54
CA ALA B 535 -16.00 -24.60 16.80
C ALA B 535 -17.25 -25.21 16.19
N ASN B 536 -17.14 -25.75 14.97
CA ASN B 536 -18.29 -26.35 14.32
C ASN B 536 -18.72 -27.61 15.05
N ALA B 537 -17.75 -28.40 15.54
CA ALA B 537 -18.09 -29.66 16.19
C ALA B 537 -18.73 -29.43 17.55
N LEU B 538 -18.29 -28.40 18.27
CA LEU B 538 -18.89 -28.06 19.54
C LEU B 538 -20.10 -27.16 19.40
N ASN B 539 -20.38 -26.63 18.22
CA ASN B 539 -21.40 -25.61 18.05
C ASN B 539 -21.22 -24.50 19.08
N VAL B 540 -19.99 -24.03 19.17
CA VAL B 540 -19.70 -22.79 19.89
C VAL B 540 -18.94 -21.88 18.94
N ASP B 541 -18.98 -20.58 19.22
CA ASP B 541 -18.23 -19.61 18.44
C ASP B 541 -16.75 -19.73 18.76
N THR B 542 -15.92 -19.33 17.79
CA THR B 542 -14.48 -19.32 17.99
C THR B 542 -14.09 -18.53 19.24
N ALA B 543 -14.80 -17.43 19.52
CA ALA B 543 -14.47 -16.60 20.66
C ALA B 543 -14.72 -17.29 21.97
N ASP B 544 -15.48 -18.39 21.95
CA ASP B 544 -15.81 -19.13 23.15
C ASP B 544 -14.85 -20.28 23.40
N LEU B 545 -13.96 -20.60 22.46
CA LEU B 545 -13.16 -21.80 22.59
C LEU B 545 -11.98 -21.56 23.52
N PRO B 546 -11.47 -22.62 24.17
CA PRO B 546 -10.24 -22.52 24.98
C PRO B 546 -8.99 -22.51 24.11
N VAL B 547 -8.80 -21.41 23.37
CA VAL B 547 -7.65 -21.24 22.49
C VAL B 547 -7.12 -19.82 22.63
N ALA B 548 -5.95 -19.59 22.05
CA ALA B 548 -5.38 -18.25 21.93
C ALA B 548 -4.35 -18.27 20.83
N VAL B 549 -3.93 -17.09 20.41
CA VAL B 549 -2.86 -16.90 19.44
C VAL B 549 -1.77 -16.08 20.08
N THR B 550 -0.52 -16.39 19.73
CA THR B 550 0.60 -15.56 20.15
C THR B 550 1.59 -15.37 19.00
N ALA B 551 2.04 -14.13 18.83
CA ALA B 551 3.17 -13.75 17.97
C ALA B 551 4.14 -13.06 18.91
N PRO B 552 4.99 -13.81 19.61
CA PRO B 552 5.71 -13.22 20.75
C PRO B 552 7.06 -12.60 20.43
N MET B 553 7.51 -12.67 19.17
CA MET B 553 8.70 -11.97 18.70
C MET B 553 8.41 -11.50 17.27
N TYR B 554 7.29 -10.78 17.11
CA TYR B 554 6.83 -10.33 15.80
C TYR B 554 7.84 -9.33 15.25
N MET B 555 8.02 -9.36 13.92
CA MET B 555 8.88 -8.37 13.31
CA MET B 555 8.91 -8.41 13.26
C MET B 555 8.16 -7.49 12.31
N GLU B 556 7.39 -8.05 11.40
CA GLU B 556 6.76 -7.17 10.41
C GLU B 556 5.32 -7.64 10.15
N GLN B 557 4.77 -7.18 9.03
CA GLN B 557 3.32 -7.17 8.88
C GLN B 557 2.77 -8.43 8.29
N LYS B 558 3.60 -9.41 7.96
CA LYS B 558 3.04 -10.74 7.74
C LYS B 558 2.48 -11.30 9.04
N ALA B 559 3.14 -11.03 10.14
CA ALA B 559 2.64 -11.45 11.43
C ALA B 559 1.49 -10.59 11.89
N THR B 560 1.59 -9.26 11.70
CA THR B 560 0.51 -8.41 12.21
C THR B 560 -0.77 -8.60 11.42
N ILE B 561 -0.68 -8.90 10.12
CA ILE B 561 -1.93 -9.14 9.40
C ILE B 561 -2.60 -10.42 9.93
N ASP B 562 -1.80 -11.41 10.35
CA ASP B 562 -2.34 -12.61 10.97
C ASP B 562 -2.95 -12.31 12.34
N ALA B 563 -2.35 -11.35 13.06
CA ALA B 563 -2.91 -10.92 14.35
C ALA B 563 -4.23 -10.18 14.14
N LEU B 564 -4.30 -9.31 13.13
CA LEU B 564 -5.55 -8.62 12.85
C LEU B 564 -6.64 -9.61 12.47
N PHE B 565 -6.28 -10.61 11.68
CA PHE B 565 -7.19 -11.70 11.38
C PHE B 565 -7.66 -12.39 12.67
N ALA B 566 -6.71 -12.71 13.56
CA ALA B 566 -7.06 -13.41 14.80
C ALA B 566 -8.05 -12.58 15.62
N LEU B 567 -7.88 -11.25 15.64
CA LEU B 567 -8.82 -10.40 16.35
C LEU B 567 -10.20 -10.46 15.71
N ALA B 568 -10.25 -10.36 14.37
CA ALA B 568 -11.54 -10.44 13.70
C ALA B 568 -12.20 -11.79 13.90
N TYR B 569 -11.39 -12.84 14.03
CA TYR B 569 -11.85 -14.20 14.27
C TYR B 569 -12.21 -14.44 15.73
N GLY B 570 -12.11 -13.42 16.58
CA GLY B 570 -12.63 -13.48 17.93
C GLY B 570 -11.66 -13.95 18.98
N LEU B 571 -10.36 -13.96 18.72
CA LEU B 571 -9.41 -14.65 19.61
C LEU B 571 -8.59 -13.70 20.46
N TYR B 572 -8.27 -14.18 21.65
CA TYR B 572 -7.20 -13.59 22.44
C TYR B 572 -5.90 -13.71 21.67
N THR B 573 -5.28 -12.58 21.39
CA THR B 573 -4.16 -12.47 20.46
C THR B 573 -3.04 -11.72 21.16
N HIS B 574 -2.03 -12.46 21.61
CA HIS B 574 -0.88 -11.87 22.28
C HIS B 574 0.16 -11.48 21.22
N VAL B 575 0.70 -10.27 21.35
CA VAL B 575 1.72 -9.77 20.43
C VAL B 575 2.84 -9.13 21.23
N ALA B 576 4.06 -9.54 20.96
CA ALA B 576 5.23 -8.89 21.53
C ALA B 576 6.31 -8.87 20.46
N PRO B 577 7.16 -7.84 20.43
CA PRO B 577 7.11 -6.62 21.22
C PRO B 577 5.87 -5.80 20.93
N ASP B 578 5.64 -4.75 21.68
CA ASP B 578 4.46 -3.94 21.46
C ASP B 578 4.47 -3.42 20.04
N PRO B 579 3.38 -3.51 19.31
CA PRO B 579 3.27 -2.74 18.09
C PRO B 579 3.33 -1.27 18.42
N PRO B 580 3.63 -0.40 17.45
CA PRO B 580 3.79 1.05 17.74
C PRO B 580 2.44 1.74 17.90
N VAL B 581 1.80 1.50 19.05
CA VAL B 581 0.48 2.10 19.28
C VAL B 581 0.30 2.62 20.70
N MET B 582 1.28 2.39 21.59
CA MET B 582 1.01 2.57 23.01
C MET B 582 0.88 4.02 23.43
N GLY B 583 1.24 4.97 22.57
CA GLY B 583 0.99 6.36 22.84
C GLY B 583 -0.39 6.85 22.46
N ALA B 584 -1.27 5.97 21.97
CA ALA B 584 -2.61 6.34 21.53
C ALA B 584 -3.62 5.70 22.48
N PRO B 585 -4.05 6.40 23.53
CA PRO B 585 -4.78 5.70 24.59
C PRO B 585 -6.13 5.16 24.20
N ASN B 586 -6.86 5.84 23.31
CA ASN B 586 -8.18 5.30 22.95
C ASN B 586 -8.04 4.11 22.03
N LEU B 587 -7.01 4.11 21.17
CA LEU B 587 -6.72 2.93 20.36
C LEU B 587 -6.30 1.76 21.25
N VAL B 588 -5.46 2.02 22.25
CA VAL B 588 -5.08 0.93 23.15
C VAL B 588 -6.32 0.38 23.84
N LYS B 589 -7.21 1.25 24.32
CA LYS B 589 -8.44 0.79 24.95
CA LYS B 589 -8.44 0.79 24.95
C LYS B 589 -9.29 -0.04 23.99
N LEU B 590 -9.41 0.39 22.75
CA LEU B 590 -10.18 -0.39 21.77
C LEU B 590 -9.60 -1.80 21.64
N LEU B 591 -8.29 -1.90 21.40
CA LEU B 591 -7.69 -3.17 21.04
C LEU B 591 -7.56 -4.10 22.22
N THR B 592 -7.38 -3.57 23.43
CA THR B 592 -7.08 -4.40 24.58
C THR B 592 -8.27 -4.64 25.48
N ARG B 593 -9.25 -3.74 25.47
CA ARG B 593 -10.35 -3.81 26.41
C ARG B 593 -11.71 -3.88 25.77
N ASP B 594 -11.93 -3.19 24.65
CA ASP B 594 -13.28 -3.09 24.12
C ASP B 594 -13.57 -4.11 23.04
N LEU B 595 -12.55 -4.62 22.36
CA LEU B 595 -12.81 -5.55 21.27
C LEU B 595 -13.57 -6.79 21.72
N PRO B 596 -13.44 -7.29 22.95
CA PRO B 596 -14.23 -8.48 23.34
C PRO B 596 -15.73 -8.30 23.14
N SER B 597 -16.24 -7.08 23.29
CA SER B 597 -17.64 -6.79 23.10
CA SER B 597 -17.64 -6.77 23.10
C SER B 597 -17.99 -6.49 21.64
N ILE B 598 -17.00 -6.52 20.75
CA ILE B 598 -17.15 -6.19 19.34
C ILE B 598 -16.94 -7.45 18.51
N THR B 599 -15.70 -7.94 18.45
CA THR B 599 -15.40 -9.17 17.73
C THR B 599 -15.28 -10.39 18.63
N GLY B 600 -15.09 -10.19 19.93
CA GLY B 600 -14.79 -11.26 20.85
C GLY B 600 -13.32 -11.39 21.21
N GLY B 601 -12.43 -10.87 20.38
CA GLY B 601 -11.01 -10.97 20.60
C GLY B 601 -10.46 -9.79 21.37
N ARG B 602 -9.15 -9.84 21.60
CA ARG B 602 -8.44 -8.72 22.21
CA ARG B 602 -8.44 -8.72 22.22
C ARG B 602 -6.95 -8.90 22.03
N ILE B 603 -6.23 -7.79 22.02
CA ILE B 603 -4.77 -7.80 22.04
C ILE B 603 -4.29 -7.94 23.49
N ALA B 604 -3.31 -8.82 23.69
CA ALA B 604 -2.56 -8.94 24.93
C ALA B 604 -1.10 -8.66 24.63
N VAL B 605 -0.35 -8.22 25.65
CA VAL B 605 1.00 -7.73 25.47
C VAL B 605 1.91 -8.27 26.56
N GLY B 606 3.21 -8.05 26.35
CA GLY B 606 4.24 -8.44 27.29
C GLY B 606 5.26 -9.40 26.75
N SER B 607 6.47 -9.38 27.30
CA SER B 607 7.55 -10.26 26.85
C SER B 607 8.08 -11.21 27.93
N ASP B 608 7.49 -11.24 29.12
CA ASP B 608 7.93 -12.18 30.15
C ASP B 608 7.29 -13.53 29.88
N PRO B 609 8.07 -14.56 29.56
CA PRO B 609 7.43 -15.82 29.13
C PRO B 609 6.48 -16.38 30.17
N VAL B 610 6.83 -16.29 31.45
CA VAL B 610 5.98 -16.87 32.48
C VAL B 610 4.68 -16.09 32.61
N LYS B 611 4.76 -14.76 32.67
CA LYS B 611 3.53 -13.98 32.78
CA LYS B 611 3.53 -13.97 32.79
C LYS B 611 2.65 -14.15 31.55
N VAL B 612 3.26 -14.14 30.35
CA VAL B 612 2.46 -14.29 29.13
C VAL B 612 1.74 -15.62 29.11
N ALA B 613 2.43 -16.68 29.53
CA ALA B 613 1.84 -18.01 29.59
C ALA B 613 0.73 -18.07 30.64
N ASP B 614 0.95 -17.44 31.79
CA ASP B 614 -0.09 -17.40 32.82
C ASP B 614 -1.31 -16.65 32.33
N ASP B 615 -1.11 -15.54 31.60
CA ASP B 615 -2.26 -14.78 31.12
C ASP B 615 -3.03 -15.58 30.06
N ILE B 616 -2.31 -16.29 29.19
CA ILE B 616 -2.98 -17.13 28.20
C ILE B 616 -3.77 -18.23 28.89
N LEU B 617 -3.15 -18.89 29.87
CA LEU B 617 -3.84 -19.95 30.61
C LEU B 617 -5.06 -19.40 31.35
N ALA B 618 -4.95 -18.18 31.89
CA ALA B 618 -6.11 -17.58 32.55
C ALA B 618 -7.25 -17.38 31.57
N HIS B 619 -6.95 -16.91 30.36
CA HIS B 619 -8.01 -16.76 29.37
C HIS B 619 -8.62 -18.11 29.01
N ILE B 620 -7.76 -19.10 28.78
CA ILE B 620 -8.26 -20.44 28.46
C ILE B 620 -9.17 -20.94 29.58
N ASN B 621 -8.75 -20.77 30.82
CA ASN B 621 -9.56 -21.26 31.94
C ASN B 621 -10.85 -20.49 32.07
N ASP B 622 -10.86 -19.21 31.71
CA ASP B 622 -12.11 -18.46 31.66
C ASP B 622 -13.05 -19.04 30.61
N ARG B 623 -12.54 -19.34 29.43
CA ARG B 623 -13.37 -19.96 28.41
C ARG B 623 -13.87 -21.32 28.87
N ARG B 624 -12.99 -22.11 29.49
CA ARG B 624 -13.40 -23.43 30.00
C ARG B 624 -14.54 -23.31 31.01
N ALA B 625 -14.41 -22.35 31.95
CA ALA B 625 -15.45 -22.15 32.95
C ALA B 625 -16.79 -21.88 32.31
N LYS B 626 -16.80 -21.03 31.28
CA LYS B 626 -18.06 -20.70 30.61
C LYS B 626 -18.62 -21.87 29.83
N LEU B 627 -17.77 -22.80 29.41
CA LEU B 627 -18.23 -24.03 28.77
C LEU B 627 -18.61 -25.11 29.76
N GLY B 628 -18.32 -24.92 31.04
CA GLY B 628 -18.61 -25.93 32.03
C GLY B 628 -17.64 -27.08 32.05
N ILE B 629 -16.43 -26.89 31.55
CA ILE B 629 -15.42 -27.94 31.54
C ILE B 629 -14.23 -27.56 32.42
#